data_3NUG
#
_entry.id   3NUG
#
_cell.length_a   85.638
_cell.length_b   50.695
_cell.length_c   94.551
_cell.angle_alpha   90.00
_cell.angle_beta   89.29
_cell.angle_gamma   90.00
#
_symmetry.space_group_name_H-M   'P 1 21 1'
#
loop_
_entity.id
_entity.type
_entity.pdbx_description
1 polymer '3-oxoacyl-(Acyl-carrier protein) reductase'
2 non-polymer NICOTINAMIDE-ADENINE-DINUCLEOTIDE
3 non-polymer 'ACETIC ACID'
4 water water
#
_entity_poly.entity_id   1
_entity_poly.type   'polypeptide(L)'
_entity_poly.pdbx_seq_one_letter_code
;TERLAGKTALVTGAAQGIGKAIAARLAADGATVIVSDINAEGAKAAAASIGKKARAIAADISDPGSVKALFAEIQALTGG
IDILVNNASIVPFVAWDDVDLDHWRKIIDVNLTGTFIVTRAGTDQMRAAGKAGRVISIASNTFFAGTPNMAAYVAAKGGV
IGFTRALATELGKYNITANAVTPGLIESDGVKASPHNEAFGFVEMLQAMKGKGQPEHIADVVSFLASDDARWITGQTLNV
DAGMVRH
;
_entity_poly.pdbx_strand_id   A,B,C,D
#
# COMPACT_ATOMS: atom_id res chain seq x y z
N THR A 1 -30.50 -8.75 -4.34
CA THR A 1 -31.69 -9.03 -5.15
C THR A 1 -32.87 -8.21 -4.64
N GLU A 2 -33.24 -8.44 -3.39
CA GLU A 2 -34.03 -7.48 -2.65
C GLU A 2 -33.33 -7.23 -1.32
N ARG A 3 -32.01 -7.41 -1.31
CA ARG A 3 -31.26 -7.28 -0.06
C ARG A 3 -31.28 -5.86 0.50
N LEU A 4 -31.54 -4.86 -0.33
CA LEU A 4 -31.61 -3.47 0.14
C LEU A 4 -33.04 -2.96 0.34
N ALA A 5 -33.99 -3.89 0.37
CA ALA A 5 -35.37 -3.51 0.62
C ALA A 5 -35.44 -2.68 1.91
N GLY A 6 -36.13 -1.55 1.85
CA GLY A 6 -36.33 -0.74 3.04
C GLY A 6 -35.23 0.25 3.29
N LYS A 7 -34.15 0.15 2.50
CA LYS A 7 -33.02 1.07 2.62
C LYS A 7 -33.14 2.22 1.63
N THR A 8 -32.61 3.37 2.02
CA THR A 8 -32.54 4.53 1.14
C THR A 8 -31.09 4.87 0.80
N ALA A 9 -30.81 5.04 -0.48
CA ALA A 9 -29.46 5.38 -0.92
C ALA A 9 -29.43 6.64 -1.77
N LEU A 10 -28.47 7.52 -1.47
CA LEU A 10 -28.20 8.70 -2.30
C LEU A 10 -26.96 8.47 -3.17
N VAL A 11 -27.09 8.77 -4.47
CA VAL A 11 -25.94 8.67 -5.35
C VAL A 11 -25.77 10.03 -6.02
N THR A 12 -24.63 10.66 -5.79
CA THR A 12 -24.39 11.97 -6.42
C THR A 12 -23.75 11.77 -7.77
N GLY A 13 -23.92 12.72 -8.68
CA GLY A 13 -23.37 12.61 -10.02
C GLY A 13 -24.02 11.48 -10.80
N ALA A 14 -25.30 11.22 -10.56
CA ALA A 14 -25.94 10.02 -11.09
C ALA A 14 -26.77 10.20 -12.38
N ALA A 15 -26.59 11.35 -13.05
CA ALA A 15 -27.34 11.60 -14.28
C ALA A 15 -26.86 10.71 -15.43
N GLN A 16 -25.60 10.28 -15.33
CA GLN A 16 -25.00 9.46 -16.39
C GLN A 16 -23.83 8.65 -15.84
N GLY A 17 -23.19 7.89 -16.72
CA GLY A 17 -21.95 7.19 -16.40
C GLY A 17 -22.00 6.24 -15.22
N ILE A 18 -20.89 6.20 -14.47
CA ILE A 18 -20.77 5.32 -13.32
C ILE A 18 -21.87 5.57 -12.29
N GLY A 19 -22.15 6.85 -12.04
CA GLY A 19 -23.17 7.22 -11.07
C GLY A 19 -24.55 6.67 -11.41
N LYS A 20 -24.95 6.80 -12.66
CA LYS A 20 -26.26 6.29 -13.07
C LYS A 20 -26.31 4.76 -12.93
N ALA A 21 -25.22 4.11 -13.32
CA ALA A 21 -25.14 2.66 -13.22
C ALA A 21 -25.23 2.24 -11.77
N ILE A 22 -24.58 2.97 -10.88
CA ILE A 22 -24.63 2.63 -9.47
C ILE A 22 -26.08 2.75 -8.99
N ALA A 23 -26.70 3.87 -9.33
CA ALA A 23 -28.10 4.11 -8.96
C ALA A 23 -29.01 2.99 -9.47
N ALA A 24 -28.84 2.59 -10.72
CA ALA A 24 -29.66 1.53 -11.29
C ALA A 24 -29.51 0.20 -10.53
N ARG A 25 -28.28 -0.13 -10.17
CA ARG A 25 -28.01 -1.40 -9.48
C ARG A 25 -28.57 -1.43 -8.06
N LEU A 26 -28.35 -0.35 -7.30
CA LEU A 26 -28.92 -0.25 -5.96
C LEU A 26 -30.46 -0.30 -5.99
N ALA A 27 -31.06 0.30 -7.01
CA ALA A 27 -32.50 0.22 -7.20
C ALA A 27 -32.93 -1.22 -7.43
N ALA A 28 -32.16 -1.93 -8.27
CA ALA A 28 -32.44 -3.34 -8.55
C ALA A 28 -32.27 -4.19 -7.31
N ASP A 29 -31.38 -3.77 -6.41
CA ASP A 29 -31.20 -4.43 -5.11
C ASP A 29 -32.40 -4.17 -4.17
N GLY A 30 -33.28 -3.24 -4.55
CA GLY A 30 -34.48 -3.00 -3.77
C GLY A 30 -34.48 -1.71 -2.97
N ALA A 31 -33.41 -0.94 -3.11
CA ALA A 31 -33.29 0.30 -2.35
C ALA A 31 -34.18 1.41 -2.92
N THR A 32 -34.58 2.36 -2.09
CA THR A 32 -35.15 3.60 -2.57
C THR A 32 -33.97 4.52 -2.89
N VAL A 33 -33.82 4.90 -4.14
CA VAL A 33 -32.62 5.59 -4.57
C VAL A 33 -32.87 7.05 -4.90
N ILE A 34 -32.06 7.93 -4.33
CA ILE A 34 -32.07 9.33 -4.71
C ILE A 34 -30.98 9.54 -5.75
N VAL A 35 -31.39 9.90 -6.95
CA VAL A 35 -30.51 10.18 -8.07
C VAL A 35 -30.25 11.67 -8.04
N SER A 36 -29.04 12.06 -7.65
CA SER A 36 -28.70 13.48 -7.56
C SER A 36 -27.61 13.84 -8.56
N ASP A 37 -27.73 15.03 -9.14
CA ASP A 37 -26.74 15.53 -10.07
C ASP A 37 -26.87 17.04 -10.18
N ILE A 38 -25.83 17.72 -10.65
CA ILE A 38 -25.94 19.16 -10.88
C ILE A 38 -26.75 19.40 -12.15
N ASN A 39 -26.68 18.45 -13.07
CA ASN A 39 -27.53 18.43 -14.25
C ASN A 39 -28.95 18.00 -13.84
N ALA A 40 -29.79 18.98 -13.56
CA ALA A 40 -31.13 18.72 -13.02
C ALA A 40 -31.99 17.90 -13.97
N GLU A 41 -31.97 18.25 -15.25
CA GLU A 41 -32.74 17.54 -16.26
C GLU A 41 -32.23 16.12 -16.45
N GLY A 42 -30.92 15.95 -16.43
CA GLY A 42 -30.31 14.64 -16.55
C GLY A 42 -30.63 13.74 -15.37
N ALA A 43 -30.68 14.33 -14.18
CA ALA A 43 -31.02 13.57 -12.98
C ALA A 43 -32.45 13.01 -13.09
N LYS A 44 -33.36 13.87 -13.51
CA LYS A 44 -34.77 13.49 -13.69
CA LYS A 44 -34.76 13.48 -13.67
C LYS A 44 -34.91 12.34 -14.67
N ALA A 45 -34.32 12.50 -15.85
CA ALA A 45 -34.34 11.47 -16.88
C ALA A 45 -33.75 10.16 -16.36
N ALA A 46 -32.66 10.24 -15.59
CA ALA A 46 -32.02 9.02 -15.09
C ALA A 46 -32.89 8.30 -14.07
N ALA A 47 -33.50 9.05 -13.17
CA ALA A 47 -34.39 8.44 -12.18
C ALA A 47 -35.61 7.80 -12.85
N ALA A 48 -36.18 8.48 -13.84
CA ALA A 48 -37.33 7.95 -14.59
C ALA A 48 -36.93 6.72 -15.40
N SER A 49 -35.69 6.71 -15.89
CA SER A 49 -35.16 5.58 -16.65
C SER A 49 -35.08 4.33 -15.80
N ILE A 50 -34.61 4.52 -14.58
CA ILE A 50 -34.38 3.43 -13.62
C ILE A 50 -35.71 2.89 -13.12
N GLY A 51 -36.67 3.78 -12.97
CA GLY A 51 -37.96 3.42 -12.43
C GLY A 51 -37.77 2.83 -11.05
N LYS A 52 -38.51 1.76 -10.78
CA LYS A 52 -38.47 1.15 -9.45
C LYS A 52 -38.68 2.27 -8.45
N LYS A 53 -37.91 2.32 -7.37
CA LYS A 53 -38.21 3.35 -6.38
C LYS A 53 -37.45 4.70 -6.56
N ALA A 54 -36.75 4.83 -7.68
CA ALA A 54 -35.85 5.98 -7.89
C ALA A 54 -36.53 7.35 -8.02
N ARG A 55 -35.95 8.34 -7.34
CA ARG A 55 -36.39 9.74 -7.41
C ARG A 55 -35.18 10.63 -7.65
N ALA A 56 -35.39 11.75 -8.35
CA ALA A 56 -34.30 12.68 -8.65
C ALA A 56 -34.40 13.94 -7.80
N ILE A 57 -33.25 14.38 -7.29
CA ILE A 57 -33.14 15.70 -6.67
C ILE A 57 -31.83 16.34 -7.07
N ALA A 58 -31.89 17.47 -7.77
CA ALA A 58 -30.69 18.16 -8.25
C ALA A 58 -29.90 18.73 -7.09
N ALA A 59 -28.57 18.76 -7.25
CA ALA A 59 -27.71 19.43 -6.29
C ALA A 59 -26.31 19.61 -6.86
N ASP A 60 -25.68 20.71 -6.50
CA ASP A 60 -24.26 20.93 -6.75
C ASP A 60 -23.54 20.51 -5.47
N ILE A 61 -22.75 19.44 -5.53
CA ILE A 61 -22.10 18.95 -4.30
C ILE A 61 -21.12 19.95 -3.67
N SER A 62 -20.65 20.92 -4.46
CA SER A 62 -19.71 21.92 -3.95
C SER A 62 -20.40 23.12 -3.31
N ASP A 63 -21.73 23.15 -3.37
CA ASP A 63 -22.50 24.26 -2.82
C ASP A 63 -23.22 23.83 -1.54
N PRO A 64 -22.76 24.35 -0.39
CA PRO A 64 -23.25 23.94 0.93
C PRO A 64 -24.76 24.13 1.03
N GLY A 65 -25.26 25.25 0.52
CA GLY A 65 -26.70 25.49 0.53
C GLY A 65 -27.48 24.47 -0.29
N SER A 66 -27.00 24.20 -1.50
CA SER A 66 -27.59 23.20 -2.39
C SER A 66 -27.69 21.84 -1.72
N VAL A 67 -26.63 21.45 -1.02
CA VAL A 67 -26.56 20.17 -0.35
C VAL A 67 -27.54 20.11 0.83
N LYS A 68 -27.63 21.21 1.57
CA LYS A 68 -28.55 21.30 2.69
C LYS A 68 -29.98 21.09 2.18
N ALA A 69 -30.31 21.73 1.07
CA ALA A 69 -31.63 21.58 0.46
C ALA A 69 -31.87 20.15 0.02
N LEU A 70 -30.86 19.57 -0.63
CA LEU A 70 -30.90 18.16 -1.02
C LEU A 70 -31.28 17.28 0.16
N PHE A 71 -30.57 17.43 1.28
CA PHE A 71 -30.81 16.50 2.39
C PHE A 71 -32.13 16.75 3.12
N ALA A 72 -32.57 18.00 3.17
CA ALA A 72 -33.85 18.32 3.77
C ALA A 72 -34.95 17.61 3.02
N GLU A 73 -34.87 17.63 1.70
CA GLU A 73 -35.90 16.98 0.89
C GLU A 73 -35.85 15.47 1.01
N ILE A 74 -34.66 14.90 1.10
CA ILE A 74 -34.52 13.47 1.30
C ILE A 74 -35.14 13.08 2.65
N GLN A 75 -34.86 13.87 3.68
CA GLN A 75 -35.35 13.53 5.00
C GLN A 75 -36.87 13.52 4.97
N ALA A 76 -37.47 14.52 4.31
CA ALA A 76 -38.92 14.65 4.24
C ALA A 76 -39.54 13.51 3.44
N LEU A 77 -38.87 13.09 2.38
CA LEU A 77 -39.40 12.05 1.50
C LEU A 77 -39.22 10.63 2.06
N THR A 78 -38.15 10.40 2.81
CA THR A 78 -37.74 9.02 3.10
C THR A 78 -37.41 8.72 4.55
N GLY A 79 -37.23 9.77 5.36
CA GLY A 79 -36.75 9.58 6.71
C GLY A 79 -35.23 9.49 6.79
N GLY A 80 -34.54 9.78 5.68
CA GLY A 80 -33.10 9.88 5.69
C GLY A 80 -32.38 8.71 5.04
N ILE A 81 -31.14 8.95 4.61
CA ILE A 81 -30.38 7.92 3.91
C ILE A 81 -29.78 6.87 4.86
N ASP A 82 -29.59 5.67 4.32
CA ASP A 82 -28.84 4.60 4.98
C ASP A 82 -27.48 4.47 4.27
N ILE A 83 -27.45 4.89 3.02
CA ILE A 83 -26.30 4.65 2.15
C ILE A 83 -25.97 5.92 1.39
N LEU A 84 -24.72 6.34 1.47
CA LEU A 84 -24.22 7.47 0.69
C LEU A 84 -23.14 7.01 -0.28
N VAL A 85 -23.34 7.27 -1.56
CA VAL A 85 -22.32 7.03 -2.56
C VAL A 85 -21.82 8.35 -3.14
N ASN A 86 -20.60 8.73 -2.80
CA ASN A 86 -20.02 9.97 -3.31
C ASN A 86 -19.41 9.70 -4.66
N ASN A 87 -20.15 10.00 -5.71
CA ASN A 87 -19.71 9.69 -7.06
C ASN A 87 -19.42 10.92 -7.93
N ALA A 88 -20.11 12.05 -7.68
CA ALA A 88 -19.89 13.24 -8.49
C ALA A 88 -18.44 13.71 -8.41
N SER A 89 -17.90 14.13 -9.55
CA SER A 89 -16.59 14.79 -9.65
C SER A 89 -16.43 15.32 -11.08
N ILE A 90 -15.48 16.21 -11.25
CA ILE A 90 -15.05 16.63 -12.58
C ILE A 90 -13.84 15.79 -12.96
N VAL A 91 -13.85 15.23 -14.16
CA VAL A 91 -12.71 14.45 -14.63
C VAL A 91 -11.99 15.23 -15.74
N PRO A 92 -10.90 15.92 -15.38
CA PRO A 92 -10.26 16.80 -16.36
C PRO A 92 -9.19 16.10 -17.18
N PHE A 93 -8.85 16.73 -18.30
CA PHE A 93 -7.61 16.42 -18.99
C PHE A 93 -6.87 17.75 -19.18
N VAL A 94 -5.75 17.89 -18.47
CA VAL A 94 -5.00 19.14 -18.45
CA VAL A 94 -5.00 19.13 -18.48
C VAL A 94 -3.51 18.87 -18.36
N ALA A 95 -2.76 19.28 -19.39
CA ALA A 95 -1.30 19.13 -19.34
C ALA A 95 -0.79 19.87 -18.11
N TRP A 96 0.27 19.36 -17.50
CA TRP A 96 0.81 19.97 -16.29
C TRP A 96 0.99 21.50 -16.37
N ASP A 97 1.54 21.99 -17.47
CA ASP A 97 1.83 23.41 -17.54
C ASP A 97 0.59 24.26 -17.70
N ASP A 98 -0.56 23.58 -17.82
CA ASP A 98 -1.85 24.25 -17.91
C ASP A 98 -2.58 24.13 -16.58
N VAL A 99 -1.96 23.46 -15.61
CA VAL A 99 -2.52 23.40 -14.27
C VAL A 99 -2.18 24.67 -13.48
N ASP A 100 -3.12 25.61 -13.42
CA ASP A 100 -2.90 26.85 -12.68
C ASP A 100 -3.79 26.86 -11.44
N LEU A 101 -3.68 27.91 -10.63
CA LEU A 101 -4.39 27.96 -9.36
C LEU A 101 -5.91 27.86 -9.54
N ASP A 102 -6.45 28.56 -10.55
CA ASP A 102 -7.90 28.50 -10.79
C ASP A 102 -8.38 27.06 -11.07
N HIS A 103 -7.67 26.36 -11.95
CA HIS A 103 -8.00 24.97 -12.28
C HIS A 103 -7.87 24.10 -11.04
N TRP A 104 -6.73 24.21 -10.37
CA TRP A 104 -6.50 23.46 -9.14
C TRP A 104 -7.61 23.67 -8.11
N ARG A 105 -7.94 24.92 -7.82
CA ARG A 105 -8.95 25.20 -6.80
C ARG A 105 -10.30 24.58 -7.17
N LYS A 106 -10.63 24.62 -8.44
CA LYS A 106 -11.92 24.11 -8.89
C LYS A 106 -12.02 22.58 -8.72
N ILE A 107 -10.96 21.88 -9.08
CA ILE A 107 -10.97 20.41 -8.97
C ILE A 107 -10.97 19.99 -7.51
N ILE A 108 -10.16 20.65 -6.69
CA ILE A 108 -10.17 20.36 -5.25
C ILE A 108 -11.54 20.69 -4.68
N ASP A 109 -12.12 21.80 -5.11
CA ASP A 109 -13.36 22.27 -4.51
C ASP A 109 -14.53 21.29 -4.77
N VAL A 110 -14.69 20.84 -6.01
CA VAL A 110 -15.76 19.91 -6.32
C VAL A 110 -15.40 18.48 -5.87
N ASN A 111 -14.24 17.99 -6.30
CA ASN A 111 -13.94 16.57 -6.12
C ASN A 111 -13.66 16.20 -4.67
N LEU A 112 -13.02 17.09 -3.94
CA LEU A 112 -12.61 16.79 -2.58
C LEU A 112 -13.51 17.48 -1.56
N THR A 113 -13.60 18.81 -1.66
CA THR A 113 -14.44 19.55 -0.71
C THR A 113 -15.94 19.23 -0.91
N GLY A 114 -16.38 19.07 -2.14
CA GLY A 114 -17.75 18.67 -2.37
C GLY A 114 -18.04 17.33 -1.70
N THR A 115 -17.07 16.42 -1.74
CA THR A 115 -17.21 15.13 -1.08
C THR A 115 -17.37 15.31 0.42
N PHE A 116 -16.59 16.18 1.01
CA PHE A 116 -16.77 16.50 2.42
C PHE A 116 -18.15 17.07 2.73
N ILE A 117 -18.57 18.08 1.96
CA ILE A 117 -19.84 18.78 2.19
C ILE A 117 -20.99 17.77 2.25
N VAL A 118 -21.03 16.90 1.24
CA VAL A 118 -22.10 15.89 1.15
C VAL A 118 -21.99 14.86 2.26
N THR A 119 -20.76 14.46 2.56
CA THR A 119 -20.56 13.46 3.59
C THR A 119 -20.92 13.98 4.97
N ARG A 120 -20.51 15.22 5.25
CA ARG A 120 -20.85 15.88 6.50
C ARG A 120 -22.36 15.80 6.73
N ALA A 121 -23.10 16.24 5.72
CA ALA A 121 -24.54 16.36 5.84
C ALA A 121 -25.15 14.96 5.85
N GLY A 122 -24.67 14.10 4.97
CA GLY A 122 -25.22 12.75 4.85
C GLY A 122 -25.03 11.88 6.08
N THR A 123 -23.82 11.88 6.64
CA THR A 123 -23.58 11.11 7.86
C THR A 123 -24.25 11.73 9.10
N ASP A 124 -24.39 13.05 9.14
CA ASP A 124 -25.16 13.67 10.21
C ASP A 124 -26.61 13.17 10.15
N GLN A 125 -27.14 13.02 8.93
CA GLN A 125 -28.50 12.52 8.73
C GLN A 125 -28.64 11.06 9.18
N MET A 126 -27.70 10.21 8.76
CA MET A 126 -27.67 8.84 9.25
C MET A 126 -27.73 8.80 10.76
N ARG A 127 -26.84 9.54 11.41
CA ARG A 127 -26.74 9.52 12.86
C ARG A 127 -27.99 10.06 13.56
N ALA A 128 -28.58 11.11 12.99
CA ALA A 128 -29.84 11.64 13.53
C ALA A 128 -30.88 10.54 13.65
N ALA A 129 -30.92 9.63 12.67
CA ALA A 129 -31.87 8.52 12.66
C ALA A 129 -31.39 7.30 13.45
N GLY A 130 -30.10 7.25 13.73
CA GLY A 130 -29.54 6.12 14.45
C GLY A 130 -29.32 4.91 13.57
N LYS A 131 -29.16 5.15 12.27
CA LYS A 131 -28.96 4.08 11.30
C LYS A 131 -27.50 3.65 11.18
N ALA A 132 -27.29 2.35 11.20
N ALA A 132 -27.25 2.35 11.03
CA ALA A 132 -26.05 1.83 10.72
CA ALA A 132 -25.90 1.83 10.81
C ALA A 132 -26.06 2.34 9.29
C ALA A 132 -25.49 1.90 9.32
N GLY A 133 -25.03 3.08 8.92
CA GLY A 133 -24.92 3.49 7.53
C GLY A 133 -23.71 3.02 6.74
N ARG A 134 -23.69 3.42 5.48
CA ARG A 134 -22.62 3.05 4.56
C ARG A 134 -22.19 4.29 3.77
N VAL A 135 -20.92 4.66 3.89
CA VAL A 135 -20.38 5.71 3.04
C VAL A 135 -19.43 5.03 2.06
N ILE A 136 -19.67 5.26 0.77
CA ILE A 136 -18.87 4.69 -0.29
C ILE A 136 -18.51 5.82 -1.24
N SER A 137 -17.22 6.10 -1.35
CA SER A 137 -16.74 7.20 -2.19
C SER A 137 -15.96 6.67 -3.35
N ILE A 138 -16.25 7.23 -4.52
CA ILE A 138 -15.60 6.80 -5.73
C ILE A 138 -14.34 7.66 -5.91
N ALA A 139 -13.20 7.02 -5.76
CA ALA A 139 -11.91 7.66 -5.99
C ALA A 139 -11.43 7.36 -7.42
N SER A 140 -10.19 6.93 -7.59
CA SER A 140 -9.64 6.63 -8.92
C SER A 140 -8.32 5.85 -8.79
N ASN A 141 -8.06 4.91 -9.69
CA ASN A 141 -6.78 4.20 -9.59
C ASN A 141 -5.62 5.08 -10.06
N THR A 142 -5.94 6.25 -10.60
CA THR A 142 -4.89 7.21 -10.95
C THR A 142 -4.07 7.58 -9.71
N PHE A 143 -4.67 7.46 -8.52
CA PHE A 143 -3.95 7.70 -7.27
C PHE A 143 -2.80 6.71 -7.08
N PHE A 144 -3.01 5.47 -7.53
CA PHE A 144 -1.96 4.45 -7.45
C PHE A 144 -0.96 4.59 -8.62
N ALA A 145 -1.46 5.01 -9.78
CA ALA A 145 -0.63 5.05 -10.98
C ALA A 145 0.14 6.36 -11.20
N GLY A 146 -0.32 7.44 -10.57
CA GLY A 146 0.30 8.74 -10.79
C GLY A 146 0.10 9.22 -12.22
N THR A 147 -1.08 8.93 -12.74
CA THR A 147 -1.43 9.23 -14.13
C THR A 147 -1.18 10.70 -14.51
N PRO A 148 -0.64 10.91 -15.72
CA PRO A 148 -0.37 12.27 -16.22
C PRO A 148 -1.63 12.98 -16.73
N ASN A 149 -1.52 14.29 -16.88
CA ASN A 149 -2.58 15.10 -17.46
C ASN A 149 -3.79 15.26 -16.55
N MET A 150 -3.61 15.04 -15.25
CA MET A 150 -4.69 15.25 -14.30
C MET A 150 -4.18 15.50 -12.87
N ALA A 151 -3.13 16.31 -12.76
CA ALA A 151 -2.43 16.48 -11.48
C ALA A 151 -3.34 16.88 -10.33
N ALA A 152 -4.27 17.80 -10.57
CA ALA A 152 -5.17 18.26 -9.50
C ALA A 152 -6.18 17.19 -9.12
N TYR A 153 -6.64 16.47 -10.13
CA TYR A 153 -7.56 15.36 -9.95
C TYR A 153 -6.91 14.26 -9.11
N VAL A 154 -5.68 13.87 -9.44
CA VAL A 154 -5.03 12.80 -8.67
C VAL A 154 -4.88 13.22 -7.21
N ALA A 155 -4.52 14.48 -6.99
CA ALA A 155 -4.44 15.02 -5.63
C ALA A 155 -5.79 14.96 -4.92
N ALA A 156 -6.84 15.41 -5.60
CA ALA A 156 -8.19 15.36 -5.04
C ALA A 156 -8.57 13.93 -4.61
N LYS A 157 -8.29 12.96 -5.47
CA LYS A 157 -8.68 11.58 -5.19
C LYS A 157 -7.87 10.97 -4.05
N GLY A 158 -6.60 11.37 -3.93
CA GLY A 158 -5.82 10.95 -2.79
C GLY A 158 -6.42 11.51 -1.53
N GLY A 159 -6.94 12.74 -1.64
CA GLY A 159 -7.66 13.36 -0.54
C GLY A 159 -8.90 12.58 -0.15
N VAL A 160 -9.62 12.05 -1.14
CA VAL A 160 -10.84 11.27 -0.87
C VAL A 160 -10.50 9.99 -0.11
N ILE A 161 -9.41 9.33 -0.54
CA ILE A 161 -8.92 8.15 0.16
C ILE A 161 -8.53 8.47 1.60
N GLY A 162 -7.73 9.52 1.79
CA GLY A 162 -7.36 9.94 3.12
C GLY A 162 -8.60 10.24 3.97
N PHE A 163 -9.51 11.02 3.40
CA PHE A 163 -10.76 11.36 4.07
C PHE A 163 -11.47 10.08 4.50
N THR A 164 -11.55 9.12 3.58
CA THR A 164 -12.21 7.84 3.87
C THR A 164 -11.60 7.13 5.07
N ARG A 165 -10.26 7.10 5.12
CA ARG A 165 -9.57 6.40 6.19
C ARG A 165 -9.79 7.07 7.54
N ALA A 166 -9.79 8.39 7.56
CA ALA A 166 -10.10 9.13 8.79
C ALA A 166 -11.56 8.97 9.20
N LEU A 167 -12.45 9.06 8.22
CA LEU A 167 -13.89 9.00 8.50
C LEU A 167 -14.27 7.67 9.13
N ALA A 168 -13.67 6.59 8.63
CA ALA A 168 -13.92 5.25 9.16
C ALA A 168 -13.68 5.22 10.66
N THR A 169 -12.56 5.82 11.06
CA THR A 169 -12.22 5.92 12.48
C THR A 169 -13.25 6.75 13.25
N GLU A 170 -13.63 7.89 12.69
CA GLU A 170 -14.54 8.80 13.37
C GLU A 170 -15.95 8.24 13.56
N LEU A 171 -16.44 7.48 12.59
CA LEU A 171 -17.84 7.06 12.63
C LEU A 171 -18.07 5.60 13.03
N GLY A 172 -17.01 4.84 13.23
CA GLY A 172 -17.13 3.45 13.63
C GLY A 172 -18.04 3.32 14.84
N LYS A 173 -17.89 4.24 15.79
CA LYS A 173 -18.66 4.23 17.02
C LYS A 173 -20.16 4.36 16.77
N TYR A 174 -20.54 4.97 15.64
CA TYR A 174 -21.95 5.11 15.29
C TYR A 174 -22.39 4.03 14.32
N ASN A 175 -21.60 2.96 14.22
CA ASN A 175 -21.84 1.86 13.31
C ASN A 175 -22.04 2.27 11.87
N ILE A 176 -21.30 3.28 11.45
CA ILE A 176 -21.27 3.67 10.04
C ILE A 176 -19.91 3.27 9.49
N THR A 177 -19.89 2.64 8.33
CA THR A 177 -18.64 2.28 7.69
C THR A 177 -18.35 3.24 6.55
N ALA A 178 -17.07 3.34 6.20
CA ALA A 178 -16.66 4.24 5.13
C ALA A 178 -15.55 3.58 4.35
N ASN A 179 -15.80 3.38 3.07
CA ASN A 179 -14.86 2.72 2.19
C ASN A 179 -14.76 3.50 0.89
N ALA A 180 -13.74 3.20 0.11
CA ALA A 180 -13.56 3.84 -1.18
C ALA A 180 -13.43 2.80 -2.28
N VAL A 181 -13.76 3.20 -3.50
CA VAL A 181 -13.54 2.35 -4.66
C VAL A 181 -12.65 3.10 -5.63
N THR A 182 -11.63 2.45 -6.17
CA THR A 182 -10.80 3.09 -7.19
C THR A 182 -11.02 2.39 -8.54
N PRO A 183 -11.90 2.95 -9.36
CA PRO A 183 -12.11 2.40 -10.70
C PRO A 183 -10.88 2.65 -11.56
N GLY A 184 -10.60 1.74 -12.50
CA GLY A 184 -9.65 2.04 -13.54
C GLY A 184 -10.38 2.86 -14.59
N LEU A 185 -9.79 2.97 -15.77
CA LEU A 185 -10.43 3.65 -16.88
C LEU A 185 -11.74 2.93 -17.24
N ILE A 186 -12.84 3.68 -17.20
CA ILE A 186 -14.17 3.13 -17.48
C ILE A 186 -14.79 3.90 -18.64
N GLU A 187 -15.50 3.18 -19.49
CA GLU A 187 -16.11 3.76 -20.68
C GLU A 187 -17.45 4.44 -20.33
N SER A 188 -17.39 5.41 -19.42
CA SER A 188 -18.55 6.22 -19.08
C SER A 188 -18.78 7.21 -20.21
N ASP A 189 -19.93 7.89 -20.19
CA ASP A 189 -20.21 8.93 -21.16
C ASP A 189 -19.21 10.06 -21.06
N GLY A 190 -18.83 10.39 -19.82
CA GLY A 190 -17.86 11.43 -19.57
C GLY A 190 -16.53 11.12 -20.22
N VAL A 191 -16.06 9.88 -20.06
CA VAL A 191 -14.78 9.48 -20.62
C VAL A 191 -14.84 9.40 -22.14
N LYS A 192 -15.93 8.86 -22.68
CA LYS A 192 -16.13 8.79 -24.11
C LYS A 192 -15.99 10.16 -24.78
N ALA A 193 -16.32 11.21 -24.02
CA ALA A 193 -16.30 12.58 -24.54
C ALA A 193 -15.00 13.29 -24.17
N SER A 194 -14.12 12.57 -23.50
CA SER A 194 -12.87 13.14 -23.03
C SER A 194 -11.68 12.65 -23.86
N PRO A 195 -10.57 13.40 -23.81
CA PRO A 195 -9.33 12.94 -24.42
C PRO A 195 -8.84 11.68 -23.72
N HIS A 196 -9.39 11.39 -22.55
CA HIS A 196 -9.02 10.17 -21.83
C HIS A 196 -9.52 8.94 -22.56
N ASN A 197 -10.48 9.13 -23.44
CA ASN A 197 -11.00 8.03 -24.24
C ASN A 197 -9.90 7.41 -25.09
N GLU A 198 -8.85 8.17 -25.38
CA GLU A 198 -7.82 7.67 -26.26
C GLU A 198 -6.84 6.72 -25.55
N ALA A 199 -6.97 6.63 -24.23
CA ALA A 199 -6.06 5.80 -23.44
C ALA A 199 -6.47 4.32 -23.40
N PHE A 200 -7.64 4.00 -23.91
CA PHE A 200 -8.15 2.63 -23.81
C PHE A 200 -7.20 1.56 -24.38
N GLY A 201 -6.52 1.87 -25.48
CA GLY A 201 -5.63 0.90 -26.08
C GLY A 201 -4.51 0.48 -25.13
N PHE A 202 -3.84 1.49 -24.57
CA PHE A 202 -2.71 1.27 -23.68
C PHE A 202 -3.18 0.60 -22.40
N VAL A 203 -4.29 1.09 -21.84
CA VAL A 203 -4.82 0.58 -20.59
C VAL A 203 -5.24 -0.89 -20.73
N GLU A 204 -6.01 -1.22 -21.76
CA GLU A 204 -6.40 -2.60 -21.96
C GLU A 204 -5.17 -3.52 -22.08
N MET A 205 -4.11 -3.05 -22.70
CA MET A 205 -2.90 -3.85 -22.81
C MET A 205 -2.21 -4.05 -21.47
N LEU A 206 -2.30 -3.06 -20.58
CA LEU A 206 -1.73 -3.18 -19.24
C LEU A 206 -2.60 -4.03 -18.29
N GLN A 207 -3.89 -4.13 -18.58
CA GLN A 207 -4.80 -4.93 -17.76
C GLN A 207 -4.47 -6.41 -17.84
N ALA A 208 -4.75 -7.16 -16.78
CA ALA A 208 -4.64 -8.61 -16.85
C ALA A 208 -5.82 -9.24 -17.60
N MET A 209 -6.98 -8.58 -17.54
CA MET A 209 -8.20 -9.09 -18.19
C MET A 209 -8.45 -8.26 -19.44
N LYS A 210 -9.22 -8.81 -20.38
CA LYS A 210 -9.53 -8.11 -21.62
C LYS A 210 -10.82 -7.31 -21.53
N GLY A 211 -10.93 -6.30 -22.40
CA GLY A 211 -12.15 -5.54 -22.59
C GLY A 211 -12.02 -4.16 -21.98
N LYS A 212 -12.85 -3.22 -22.46
CA LYS A 212 -12.91 -1.90 -21.85
C LYS A 212 -13.82 -1.96 -20.62
N GLY A 213 -13.34 -1.44 -19.49
CA GLY A 213 -14.18 -1.35 -18.31
C GLY A 213 -15.50 -0.62 -18.59
N GLN A 214 -16.56 -1.04 -17.91
CA GLN A 214 -17.89 -0.44 -18.06
C GLN A 214 -18.40 0.07 -16.72
N PRO A 215 -19.35 1.02 -16.75
CA PRO A 215 -19.95 1.52 -15.53
C PRO A 215 -20.47 0.38 -14.64
N GLU A 216 -21.06 -0.63 -15.26
CA GLU A 216 -21.58 -1.77 -14.51
C GLU A 216 -20.52 -2.50 -13.69
N HIS A 217 -19.28 -2.53 -14.20
CA HIS A 217 -18.20 -3.16 -13.45
C HIS A 217 -18.03 -2.52 -12.07
N ILE A 218 -18.31 -1.22 -12.00
CA ILE A 218 -18.14 -0.48 -10.77
C ILE A 218 -19.42 -0.56 -9.94
N ALA A 219 -20.56 -0.47 -10.62
CA ALA A 219 -21.85 -0.48 -9.94
C ALA A 219 -22.01 -1.76 -9.13
N ASP A 220 -21.55 -2.88 -9.68
CA ASP A 220 -21.73 -4.17 -9.04
C ASP A 220 -20.85 -4.34 -7.81
N VAL A 221 -19.71 -3.65 -7.78
CA VAL A 221 -18.88 -3.62 -6.60
C VAL A 221 -19.46 -2.71 -5.51
N VAL A 222 -20.02 -1.58 -5.92
CA VAL A 222 -20.64 -0.67 -4.98
C VAL A 222 -21.83 -1.35 -4.31
N SER A 223 -22.60 -2.09 -5.12
CA SER A 223 -23.68 -2.92 -4.60
C SER A 223 -23.19 -3.77 -3.43
N PHE A 224 -22.07 -4.45 -3.61
CA PHE A 224 -21.52 -5.27 -2.53
C PHE A 224 -21.18 -4.44 -1.29
N LEU A 225 -20.53 -3.29 -1.49
CA LEU A 225 -20.10 -2.48 -0.36
C LEU A 225 -21.29 -1.90 0.38
N ALA A 226 -22.42 -1.76 -0.30
CA ALA A 226 -23.61 -1.21 0.35
C ALA A 226 -24.38 -2.26 1.13
N SER A 227 -24.05 -3.53 0.91
CA SER A 227 -24.77 -4.65 1.50
C SER A 227 -24.23 -5.11 2.85
N ASP A 228 -24.97 -5.98 3.51
CA ASP A 228 -24.54 -6.53 4.78
C ASP A 228 -23.34 -7.48 4.63
N ASP A 229 -23.08 -7.95 3.42
CA ASP A 229 -21.94 -8.81 3.20
C ASP A 229 -20.63 -8.05 3.47
N ALA A 230 -20.68 -6.72 3.36
CA ALA A 230 -19.50 -5.88 3.56
C ALA A 230 -19.40 -5.30 4.97
N ARG A 231 -20.16 -5.86 5.90
CA ARG A 231 -20.33 -5.21 7.21
C ARG A 231 -19.06 -5.12 8.05
N TRP A 232 -18.08 -5.99 7.80
CA TRP A 232 -16.82 -6.00 8.57
C TRP A 232 -15.69 -5.23 7.88
N ILE A 233 -16.02 -4.60 6.76
CA ILE A 233 -15.06 -3.80 6.01
C ILE A 233 -15.29 -2.30 6.26
N THR A 234 -14.29 -1.64 6.82
CA THR A 234 -14.37 -0.18 6.96
C THR A 234 -12.97 0.40 6.89
N GLY A 235 -12.86 1.56 6.26
CA GLY A 235 -11.59 2.26 6.15
C GLY A 235 -10.77 1.76 4.99
N GLN A 236 -11.40 0.95 4.14
CA GLN A 236 -10.67 0.23 3.08
C GLN A 236 -10.90 0.81 1.70
N THR A 237 -9.99 0.49 0.79
CA THR A 237 -10.11 0.93 -0.61
C THR A 237 -10.06 -0.27 -1.53
N LEU A 238 -11.07 -0.41 -2.37
CA LEU A 238 -11.13 -1.55 -3.26
CA LEU A 238 -11.15 -1.55 -3.27
C LEU A 238 -10.86 -1.10 -4.70
N ASN A 239 -9.87 -1.71 -5.33
CA ASN A 239 -9.42 -1.31 -6.65
C ASN A 239 -10.06 -2.20 -7.71
N VAL A 240 -10.67 -1.57 -8.70
CA VAL A 240 -11.52 -2.27 -9.66
C VAL A 240 -11.11 -1.85 -11.05
N ASP A 241 -10.18 -2.58 -11.65
CA ASP A 241 -9.51 -2.07 -12.85
C ASP A 241 -8.96 -3.16 -13.74
N ALA A 242 -9.51 -4.37 -13.59
CA ALA A 242 -9.05 -5.51 -14.39
C ALA A 242 -7.54 -5.74 -14.28
N GLY A 243 -6.98 -5.36 -13.13
CA GLY A 243 -5.57 -5.60 -12.85
C GLY A 243 -4.58 -4.57 -13.40
N MET A 244 -5.04 -3.37 -13.73
CA MET A 244 -4.08 -2.36 -14.23
C MET A 244 -2.99 -2.05 -13.19
N VAL A 245 -3.40 -1.84 -11.95
CA VAL A 245 -2.43 -1.79 -10.85
C VAL A 245 -2.79 -2.80 -9.78
N ARG A 246 -1.90 -3.04 -8.82
CA ARG A 246 -2.19 -4.01 -7.78
C ARG A 246 -2.30 -3.37 -6.41
N HIS A 247 -3.47 -3.50 -5.79
CA HIS A 247 -3.69 -3.00 -4.45
C HIS A 247 -4.28 -4.14 -3.62
N THR B 1 32.38 12.53 6.76
CA THR B 1 33.26 11.49 7.30
C THR B 1 33.05 10.15 6.60
N GLU B 2 33.74 9.12 7.08
CA GLU B 2 33.39 7.75 6.77
C GLU B 2 32.42 7.29 7.85
N ARG B 3 31.12 7.43 7.60
CA ARG B 3 30.14 7.24 8.66
C ARG B 3 30.02 5.80 9.19
N LEU B 4 30.50 4.83 8.42
CA LEU B 4 30.43 3.45 8.87
C LEU B 4 31.76 2.94 9.44
N ALA B 5 32.67 3.85 9.74
CA ALA B 5 33.93 3.47 10.33
C ALA B 5 33.69 2.68 11.61
N GLY B 6 34.35 1.55 11.76
CA GLY B 6 34.21 0.76 12.98
C GLY B 6 33.07 -0.25 12.92
N LYS B 7 32.30 -0.22 11.82
CA LYS B 7 31.17 -1.12 11.69
C LYS B 7 31.53 -2.27 10.78
N THR B 8 30.87 -3.40 10.99
CA THR B 8 31.03 -4.57 10.13
C THR B 8 29.71 -4.88 9.45
N ALA B 9 29.75 -5.08 8.14
CA ALA B 9 28.54 -5.39 7.38
C ALA B 9 28.72 -6.69 6.59
N LEU B 10 27.69 -7.51 6.57
CA LEU B 10 27.68 -8.72 5.77
C LEU B 10 26.75 -8.46 4.59
N VAL B 11 27.26 -8.67 3.37
CA VAL B 11 26.43 -8.65 2.18
C VAL B 11 26.46 -10.04 1.52
N THR B 12 25.30 -10.68 1.44
CA THR B 12 25.19 -11.97 0.74
C THR B 12 24.93 -11.78 -0.76
N GLY B 13 25.31 -12.76 -1.57
CA GLY B 13 25.16 -12.63 -3.00
C GLY B 13 26.03 -11.52 -3.57
N ALA B 14 27.19 -11.31 -2.97
CA ALA B 14 28.00 -10.14 -3.27
C ALA B 14 29.11 -10.36 -4.31
N ALA B 15 29.09 -11.49 -4.97
CA ALA B 15 30.11 -11.76 -5.99
C ALA B 15 29.94 -10.85 -7.21
N GLN B 16 28.71 -10.44 -7.49
CA GLN B 16 28.46 -9.63 -8.68
C GLN B 16 27.20 -8.79 -8.51
N GLY B 17 26.87 -8.03 -9.55
CA GLY B 17 25.62 -7.29 -9.61
C GLY B 17 25.38 -6.34 -8.45
N ILE B 18 24.13 -6.28 -8.01
CA ILE B 18 23.73 -5.36 -6.96
C ILE B 18 24.48 -5.63 -5.66
N GLY B 19 24.68 -6.91 -5.35
CA GLY B 19 25.39 -7.26 -4.12
C GLY B 19 26.82 -6.72 -4.08
N LYS B 20 27.53 -6.85 -5.18
CA LYS B 20 28.90 -6.37 -5.22
C LYS B 20 28.91 -4.87 -5.07
N ALA B 21 27.96 -4.20 -5.71
CA ALA B 21 27.91 -2.74 -5.67
C ALA B 21 27.57 -2.27 -4.26
N ILE B 22 26.65 -2.98 -3.61
CA ILE B 22 26.33 -2.67 -2.22
C ILE B 22 27.57 -2.81 -1.35
N ALA B 23 28.23 -3.96 -1.47
CA ALA B 23 29.47 -4.17 -0.73
C ALA B 23 30.51 -3.08 -1.00
N ALA B 24 30.68 -2.70 -2.27
CA ALA B 24 31.64 -1.65 -2.61
C ALA B 24 31.29 -0.34 -1.92
N ARG B 25 30.01 -0.01 -1.92
CA ARG B 25 29.55 1.26 -1.34
C ARG B 25 29.72 1.30 0.18
N LEU B 26 29.34 0.21 0.84
CA LEU B 26 29.48 0.13 2.30
C LEU B 26 30.96 0.26 2.71
N ALA B 27 31.84 -0.35 1.94
CA ALA B 27 33.29 -0.21 2.18
C ALA B 27 33.72 1.25 1.97
N ALA B 28 33.23 1.87 0.89
CA ALA B 28 33.52 3.28 0.66
C ALA B 28 33.05 4.13 1.86
N ASP B 29 31.92 3.74 2.45
CA ASP B 29 31.38 4.36 3.65
C ASP B 29 32.24 4.12 4.89
N GLY B 30 33.22 3.22 4.76
CA GLY B 30 34.17 2.95 5.84
C GLY B 30 33.93 1.69 6.63
N ALA B 31 32.96 0.87 6.22
CA ALA B 31 32.68 -0.37 6.92
C ALA B 31 33.68 -1.48 6.60
N THR B 32 33.84 -2.41 7.52
CA THR B 32 34.52 -3.66 7.22
C THR B 32 33.47 -4.57 6.61
N VAL B 33 33.62 -4.92 5.33
CA VAL B 33 32.59 -5.66 4.61
C VAL B 33 32.95 -7.12 4.43
N ILE B 34 32.05 -8.00 4.86
CA ILE B 34 32.16 -9.42 4.56
C ILE B 34 31.40 -9.66 3.25
N VAL B 35 32.15 -10.00 2.21
CA VAL B 35 31.57 -10.28 0.90
C VAL B 35 31.27 -11.77 0.80
N SER B 36 30.01 -12.15 0.86
CA SER B 36 29.69 -13.58 0.88
C SER B 36 28.86 -13.99 -0.34
N ASP B 37 29.16 -15.16 -0.89
CA ASP B 37 28.44 -15.64 -2.06
C ASP B 37 28.63 -17.15 -2.15
N ILE B 38 27.69 -17.82 -2.80
CA ILE B 38 27.82 -19.26 -2.98
C ILE B 38 28.96 -19.54 -3.94
N ASN B 39 29.19 -18.57 -4.82
CA ASN B 39 30.28 -18.61 -5.77
C ASN B 39 31.58 -18.15 -5.08
N ALA B 40 32.33 -19.11 -4.55
CA ALA B 40 33.54 -18.81 -3.79
C ALA B 40 34.58 -18.02 -4.59
N GLU B 41 34.79 -18.40 -5.84
CA GLU B 41 35.76 -17.70 -6.70
C GLU B 41 35.30 -16.27 -6.94
N GLY B 42 34.02 -16.11 -7.28
CA GLY B 42 33.43 -14.79 -7.47
C GLY B 42 33.52 -13.92 -6.23
N ALA B 43 33.31 -14.52 -5.06
CA ALA B 43 33.35 -13.79 -3.81
C ALA B 43 34.74 -13.22 -3.60
N LYS B 44 35.74 -14.08 -3.84
CA LYS B 44 37.15 -13.71 -3.73
C LYS B 44 37.51 -12.53 -4.64
N ALA B 45 37.15 -12.64 -5.91
CA ALA B 45 37.44 -11.57 -6.87
C ALA B 45 36.73 -10.28 -6.48
N ALA B 46 35.47 -10.37 -6.04
CA ALA B 46 34.75 -9.17 -5.61
C ALA B 46 35.46 -8.47 -4.45
N ALA B 47 35.84 -9.23 -3.43
CA ALA B 47 36.53 -8.66 -2.28
C ALA B 47 37.88 -8.07 -2.68
N ALA B 48 38.56 -8.72 -3.61
CA ALA B 48 39.84 -8.22 -4.09
C ALA B 48 39.63 -6.90 -4.81
N SER B 49 38.57 -6.83 -5.61
CA SER B 49 38.25 -5.64 -6.40
C SER B 49 37.95 -4.45 -5.50
N ILE B 50 37.37 -4.72 -4.35
CA ILE B 50 36.89 -3.67 -3.45
C ILE B 50 38.00 -3.09 -2.60
N GLY B 51 38.88 -3.93 -2.06
CA GLY B 51 40.01 -3.45 -1.29
C GLY B 51 40.16 -4.12 0.07
N LYS B 52 41.15 -3.65 0.82
CA LYS B 52 41.51 -4.27 2.10
C LYS B 52 40.37 -4.21 3.10
N LYS B 53 39.41 -3.35 2.83
CA LYS B 53 38.27 -3.20 3.72
C LYS B 53 37.34 -4.42 3.60
N ALA B 54 37.62 -5.28 2.63
CA ALA B 54 36.68 -6.35 2.26
C ALA B 54 37.27 -7.76 2.39
N ARG B 55 36.46 -8.68 2.90
CA ARG B 55 36.86 -10.07 3.13
C ARG B 55 35.82 -11.00 2.50
N ALA B 56 36.26 -11.98 1.73
CA ALA B 56 35.33 -12.95 1.16
C ALA B 56 35.18 -14.19 2.04
N ILE B 57 33.93 -14.59 2.27
CA ILE B 57 33.61 -15.88 2.88
C ILE B 57 32.46 -16.51 2.13
N ALA B 58 32.72 -17.63 1.46
CA ALA B 58 31.69 -18.29 0.69
C ALA B 58 30.64 -18.89 1.60
N ALA B 59 29.39 -18.80 1.18
CA ALA B 59 28.31 -19.45 1.90
C ALA B 59 27.11 -19.66 0.99
N ASP B 60 26.41 -20.75 1.21
CA ASP B 60 25.14 -21.01 0.57
C ASP B 60 24.07 -20.58 1.57
N ILE B 61 23.32 -19.51 1.28
CA ILE B 61 22.35 -19.00 2.26
C ILE B 61 21.22 -19.97 2.59
N SER B 62 20.95 -20.91 1.69
CA SER B 62 19.90 -21.92 1.93
C SER B 62 20.37 -23.08 2.80
N ASP B 63 21.66 -23.08 3.15
CA ASP B 63 22.26 -24.19 3.90
C ASP B 63 22.60 -23.74 5.32
N PRO B 64 21.86 -24.26 6.31
CA PRO B 64 22.02 -23.78 7.70
C PRO B 64 23.45 -23.95 8.22
N GLY B 65 24.07 -25.08 7.89
CA GLY B 65 25.44 -25.32 8.32
C GLY B 65 26.42 -24.36 7.66
N SER B 66 26.21 -24.10 6.37
CA SER B 66 27.04 -23.15 5.65
C SER B 66 26.96 -21.77 6.33
N VAL B 67 25.73 -21.36 6.62
CA VAL B 67 25.50 -20.06 7.25
C VAL B 67 26.07 -20.01 8.66
N LYS B 68 25.95 -21.11 9.40
CA LYS B 68 26.53 -21.13 10.74
C LYS B 68 28.05 -20.91 10.69
N ALA B 69 28.72 -21.57 9.75
CA ALA B 69 30.15 -21.44 9.60
C ALA B 69 30.50 -20.01 9.23
N LEU B 70 29.75 -19.47 8.27
CA LEU B 70 29.90 -18.09 7.86
C LEU B 70 29.96 -17.14 9.08
N PHE B 71 28.97 -17.25 9.96
CA PHE B 71 28.85 -16.33 11.09
C PHE B 71 29.85 -16.63 12.18
N ALA B 72 30.23 -17.89 12.32
CA ALA B 72 31.26 -18.25 13.28
C ALA B 72 32.56 -17.55 12.91
N GLU B 73 32.89 -17.56 11.62
CA GLU B 73 34.11 -16.92 11.15
C GLU B 73 34.05 -15.40 11.31
N ILE B 74 32.91 -14.79 10.97
CA ILE B 74 32.74 -13.36 11.16
C ILE B 74 32.91 -12.98 12.64
N GLN B 75 32.32 -13.77 13.53
CA GLN B 75 32.44 -13.52 14.95
C GLN B 75 33.92 -13.56 15.36
N ALA B 76 34.63 -14.59 14.91
CA ALA B 76 36.04 -14.74 15.24
C ALA B 76 36.86 -13.55 14.77
N LEU B 77 36.57 -13.06 13.57
CA LEU B 77 37.38 -12.01 12.96
C LEU B 77 36.97 -10.58 13.33
N THR B 78 35.72 -10.37 13.73
CA THR B 78 35.21 -9.00 13.88
C THR B 78 34.50 -8.69 15.19
N GLY B 79 34.03 -9.71 15.90
CA GLY B 79 33.24 -9.47 17.09
C GLY B 79 31.75 -9.41 16.77
N GLY B 80 31.41 -9.57 15.50
CA GLY B 80 30.01 -9.69 15.09
C GLY B 80 29.54 -8.58 14.16
N ILE B 81 28.56 -8.87 13.31
CA ILE B 81 28.06 -7.85 12.38
C ILE B 81 27.23 -6.76 13.06
N ASP B 82 27.32 -5.55 12.50
CA ASP B 82 26.44 -4.45 12.85
C ASP B 82 25.31 -4.32 11.81
N ILE B 83 25.59 -4.76 10.58
CA ILE B 83 24.71 -4.54 9.44
C ILE B 83 24.58 -5.82 8.64
N LEU B 84 23.34 -6.23 8.35
CA LEU B 84 23.09 -7.38 7.48
C LEU B 84 22.35 -6.94 6.23
N VAL B 85 22.93 -7.18 5.06
CA VAL B 85 22.23 -6.96 3.80
C VAL B 85 21.91 -8.31 3.15
N ASN B 86 20.65 -8.68 3.17
CA ASN B 86 20.17 -9.90 2.52
C ASN B 86 19.95 -9.64 1.05
N ASN B 87 20.97 -9.92 0.25
CA ASN B 87 20.92 -9.64 -1.18
C ASN B 87 20.82 -10.90 -2.03
N ALA B 88 21.44 -11.99 -1.58
CA ALA B 88 21.46 -13.23 -2.36
C ALA B 88 20.06 -13.70 -2.77
N SER B 89 19.92 -14.09 -4.04
CA SER B 89 18.71 -14.71 -4.53
C SER B 89 18.93 -15.29 -5.92
N ILE B 90 18.04 -16.18 -6.32
CA ILE B 90 17.96 -16.60 -7.71
C ILE B 90 16.92 -15.74 -8.40
N VAL B 91 17.29 -15.14 -9.54
CA VAL B 91 16.35 -14.30 -10.31
C VAL B 91 16.00 -15.02 -11.60
N PRO B 92 14.87 -15.76 -11.61
CA PRO B 92 14.52 -16.61 -12.75
C PRO B 92 13.77 -15.88 -13.86
N PHE B 93 13.76 -16.49 -15.03
CA PHE B 93 12.81 -16.13 -16.07
C PHE B 93 12.15 -17.42 -16.49
N VAL B 94 10.92 -17.61 -16.05
CA VAL B 94 10.25 -18.88 -16.21
C VAL B 94 8.78 -18.66 -16.54
N ALA B 95 8.37 -19.11 -17.72
CA ALA B 95 6.96 -19.02 -18.11
C ALA B 95 6.09 -19.77 -17.11
N TRP B 96 4.89 -19.24 -16.86
CA TRP B 96 3.98 -19.84 -15.88
C TRP B 96 3.88 -21.37 -16.02
N ASP B 97 3.70 -21.85 -17.23
CA ASP B 97 3.47 -23.27 -17.41
C ASP B 97 4.70 -24.12 -17.10
N ASP B 98 5.82 -23.45 -16.93
CA ASP B 98 7.08 -24.12 -16.59
C ASP B 98 7.39 -23.96 -15.11
N VAL B 99 6.51 -23.28 -14.38
CA VAL B 99 6.66 -23.16 -12.94
C VAL B 99 6.09 -24.40 -12.28
N ASP B 100 6.94 -25.40 -12.06
CA ASP B 100 6.51 -26.62 -11.38
C ASP B 100 6.98 -26.60 -9.92
N LEU B 101 6.62 -27.64 -9.16
CA LEU B 101 6.92 -27.71 -7.74
C LEU B 101 8.42 -27.64 -7.50
N ASP B 102 9.17 -28.31 -8.36
CA ASP B 102 10.62 -28.33 -8.20
C ASP B 102 11.19 -26.92 -8.29
N HIS B 103 10.75 -26.17 -9.29
CA HIS B 103 11.19 -24.79 -9.47
C HIS B 103 10.74 -23.93 -8.29
N TRP B 104 9.46 -24.08 -7.94
CA TRP B 104 8.89 -23.33 -6.83
C TRP B 104 9.69 -23.50 -5.56
N ARG B 105 9.97 -24.75 -5.20
CA ARG B 105 10.70 -25.03 -3.96
C ARG B 105 12.09 -24.41 -4.01
N LYS B 106 12.73 -24.50 -5.17
CA LYS B 106 14.10 -24.01 -5.28
C LYS B 106 14.15 -22.52 -4.99
N ILE B 107 13.25 -21.77 -5.63
CA ILE B 107 13.20 -20.32 -5.44
C ILE B 107 12.84 -19.93 -4.01
N ILE B 108 11.79 -20.55 -3.46
CA ILE B 108 11.39 -20.30 -2.08
C ILE B 108 12.54 -20.64 -1.13
N ASP B 109 13.17 -21.79 -1.34
CA ASP B 109 14.23 -22.25 -0.44
C ASP B 109 15.38 -21.23 -0.34
N VAL B 110 15.83 -20.72 -1.48
CA VAL B 110 16.92 -19.74 -1.47
C VAL B 110 16.43 -18.34 -1.11
N ASN B 111 15.48 -17.84 -1.89
CA ASN B 111 15.12 -16.43 -1.78
C ASN B 111 14.40 -16.07 -0.50
N LEU B 112 13.56 -16.99 0.00
CA LEU B 112 12.78 -16.70 1.21
C LEU B 112 13.37 -17.41 2.43
N THR B 113 13.51 -18.73 2.37
CA THR B 113 14.04 -19.46 3.51
C THR B 113 15.52 -19.14 3.78
N GLY B 114 16.32 -19.05 2.73
CA GLY B 114 17.70 -18.62 2.86
C GLY B 114 17.77 -17.30 3.61
N THR B 115 16.89 -16.37 3.24
CA THR B 115 16.82 -15.10 3.92
C THR B 115 16.54 -15.25 5.42
N PHE B 116 15.59 -16.11 5.79
CA PHE B 116 15.36 -16.40 7.20
C PHE B 116 16.63 -16.96 7.85
N ILE B 117 17.23 -17.97 7.23
CA ILE B 117 18.40 -18.62 7.82
C ILE B 117 19.47 -17.59 8.18
N VAL B 118 19.80 -16.71 7.23
CA VAL B 118 20.83 -15.70 7.45
C VAL B 118 20.42 -14.70 8.52
N THR B 119 19.14 -14.29 8.50
CA THR B 119 18.65 -13.26 9.41
C THR B 119 18.57 -13.79 10.84
N ARG B 120 18.13 -15.03 10.98
CA ARG B 120 18.13 -15.70 12.28
C ARG B 120 19.52 -15.66 12.93
N ALA B 121 20.52 -16.16 12.22
CA ALA B 121 21.89 -16.21 12.73
C ALA B 121 22.48 -14.82 12.89
N GLY B 122 22.28 -13.98 11.88
CA GLY B 122 22.79 -12.62 11.92
C GLY B 122 22.27 -11.76 13.06
N THR B 123 20.95 -11.78 13.26
CA THR B 123 20.39 -10.94 14.33
C THR B 123 20.70 -11.50 15.71
N ASP B 124 20.81 -12.82 15.81
CA ASP B 124 21.27 -13.46 17.03
C ASP B 124 22.69 -13.02 17.33
N GLN B 125 23.52 -12.92 16.30
CA GLN B 125 24.88 -12.46 16.51
C GLN B 125 24.94 -11.01 17.00
N MET B 126 24.11 -10.14 16.43
CA MET B 126 24.02 -8.76 16.87
C MET B 126 23.63 -8.69 18.33
N ARG B 127 22.58 -9.40 18.67
CA ARG B 127 22.06 -9.39 20.03
CA ARG B 127 22.06 -9.42 20.03
C ARG B 127 23.07 -9.96 21.03
N ALA B 128 23.74 -11.04 20.66
CA ALA B 128 24.75 -11.63 21.53
C ALA B 128 25.88 -10.63 21.80
N ALA B 129 26.22 -9.85 20.79
CA ALA B 129 27.26 -8.85 20.93
C ALA B 129 26.70 -7.52 21.49
N GLY B 130 25.40 -7.49 21.74
CA GLY B 130 24.75 -6.32 22.27
C GLY B 130 24.89 -5.12 21.35
N LYS B 131 24.83 -5.37 20.06
CA LYS B 131 24.99 -4.29 19.08
C LYS B 131 23.64 -3.77 18.60
N ALA B 132 23.54 -2.45 18.46
CA ALA B 132 22.46 -1.89 17.67
C ALA B 132 22.70 -2.45 16.28
N GLY B 133 21.66 -2.89 15.61
CA GLY B 133 21.85 -3.52 14.32
C GLY B 133 20.91 -3.00 13.27
N ARG B 134 21.26 -3.24 12.01
CA ARG B 134 20.39 -2.88 10.90
C ARG B 134 20.30 -4.08 9.96
N VAL B 135 19.07 -4.51 9.68
CA VAL B 135 18.85 -5.56 8.72
C VAL B 135 18.19 -4.94 7.51
N ILE B 136 18.81 -5.12 6.34
CA ILE B 136 18.30 -4.58 5.10
C ILE B 136 18.17 -5.72 4.11
N SER B 137 16.95 -6.00 3.65
CA SER B 137 16.73 -7.11 2.73
C SER B 137 16.31 -6.62 1.37
N ILE B 138 16.92 -7.19 0.32
CA ILE B 138 16.60 -6.78 -1.02
C ILE B 138 15.43 -7.61 -1.54
N ALA B 139 14.31 -6.94 -1.79
CA ALA B 139 13.16 -7.63 -2.36
C ALA B 139 13.10 -7.28 -3.86
N SER B 140 11.94 -6.86 -4.34
CA SER B 140 11.77 -6.57 -5.77
C SER B 140 10.47 -5.82 -5.97
N ASN B 141 10.45 -4.88 -6.92
CA ASN B 141 9.21 -4.17 -7.23
C ASN B 141 8.22 -5.03 -8.02
N THR B 142 8.65 -6.23 -8.41
CA THR B 142 7.74 -7.19 -9.01
C THR B 142 6.61 -7.55 -8.04
N PHE B 143 6.86 -7.43 -6.75
CA PHE B 143 5.81 -7.69 -5.76
C PHE B 143 4.65 -6.71 -5.93
N PHE B 144 4.98 -5.47 -6.30
CA PHE B 144 3.97 -4.43 -6.52
C PHE B 144 3.37 -4.52 -7.92
N ALA B 145 4.20 -4.88 -8.89
CA ALA B 145 3.78 -4.88 -10.29
C ALA B 145 3.04 -6.15 -10.74
N GLY B 146 3.33 -7.28 -10.10
CA GLY B 146 2.76 -8.54 -10.53
C GLY B 146 3.38 -9.06 -11.83
N THR B 147 4.67 -8.80 -11.99
CA THR B 147 5.40 -9.13 -13.21
C THR B 147 5.25 -10.58 -13.63
N PRO B 148 5.02 -10.81 -14.93
CA PRO B 148 4.94 -12.18 -15.42
C PRO B 148 6.31 -12.86 -15.57
N ASN B 149 6.29 -14.18 -15.78
CA ASN B 149 7.52 -14.97 -15.96
C ASN B 149 8.42 -15.06 -14.73
N MET B 150 7.84 -14.88 -13.56
CA MET B 150 8.60 -15.08 -12.32
C MET B 150 7.71 -15.31 -11.09
N ALA B 151 6.67 -16.12 -11.27
CA ALA B 151 5.67 -16.31 -10.22
C ALA B 151 6.26 -16.75 -8.85
N ALA B 152 7.12 -17.76 -8.84
CA ALA B 152 7.71 -18.20 -7.58
C ALA B 152 8.57 -17.11 -6.94
N TYR B 153 9.27 -16.36 -7.78
CA TYR B 153 10.13 -15.27 -7.33
C TYR B 153 9.31 -14.17 -6.66
N VAL B 154 8.24 -13.74 -7.33
CA VAL B 154 7.35 -12.71 -6.78
C VAL B 154 6.80 -13.16 -5.44
N ALA B 155 6.42 -14.42 -5.36
CA ALA B 155 5.87 -14.97 -4.12
C ALA B 155 6.90 -14.88 -3.02
N ALA B 156 8.13 -15.32 -3.31
CA ALA B 156 9.21 -15.28 -2.34
C ALA B 156 9.54 -13.86 -1.89
N LYS B 157 9.53 -12.92 -2.82
CA LYS B 157 9.84 -11.55 -2.48
C LYS B 157 8.74 -10.91 -1.63
N GLY B 158 7.50 -11.33 -1.86
CA GLY B 158 6.41 -10.95 -0.96
C GLY B 158 6.69 -11.46 0.43
N GLY B 159 7.23 -12.67 0.51
CA GLY B 159 7.59 -13.25 1.79
C GLY B 159 8.67 -12.48 2.49
N VAL B 160 9.66 -12.01 1.74
CA VAL B 160 10.72 -11.21 2.32
C VAL B 160 10.16 -9.91 2.92
N ILE B 161 9.23 -9.28 2.22
CA ILE B 161 8.56 -8.08 2.74
C ILE B 161 7.75 -8.37 4.01
N GLY B 162 7.01 -9.47 3.99
CA GLY B 162 6.24 -9.90 5.16
C GLY B 162 7.16 -10.20 6.33
N PHE B 163 8.22 -10.95 6.06
CA PHE B 163 9.21 -11.28 7.07
C PHE B 163 9.80 -9.99 7.65
N THR B 164 10.17 -9.05 6.77
CA THR B 164 10.68 -7.75 7.21
C THR B 164 9.73 -7.04 8.19
N ARG B 165 8.45 -7.00 7.86
CA ARG B 165 7.50 -6.29 8.71
C ARG B 165 7.37 -6.94 10.08
N ALA B 166 7.31 -8.26 10.11
CA ALA B 166 7.23 -8.98 11.39
C ALA B 166 8.52 -8.84 12.17
N LEU B 167 9.65 -8.98 11.47
CA LEU B 167 10.95 -8.87 12.10
C LEU B 167 11.15 -7.52 12.81
N ALA B 168 10.69 -6.44 12.19
CA ALA B 168 10.85 -5.11 12.79
C ALA B 168 10.16 -5.08 14.16
N THR B 169 8.99 -5.71 14.24
CA THR B 169 8.22 -5.78 15.46
C THR B 169 8.92 -6.61 16.54
N GLU B 170 9.51 -7.72 16.14
CA GLU B 170 10.21 -8.63 17.06
C GLU B 170 11.54 -8.06 17.58
N LEU B 171 12.25 -7.33 16.73
CA LEU B 171 13.60 -6.91 17.07
C LEU B 171 13.78 -5.48 17.54
N GLY B 172 12.74 -4.65 17.45
CA GLY B 172 12.87 -3.25 17.83
C GLY B 172 13.37 -3.04 19.25
N LYS B 173 12.92 -3.91 20.16
CA LYS B 173 13.29 -3.79 21.57
C LYS B 173 14.80 -4.02 21.79
N TYR B 174 15.45 -4.69 20.84
CA TYR B 174 16.89 -4.91 20.90
C TYR B 174 17.66 -3.86 20.10
N ASN B 175 16.99 -2.75 19.79
CA ASN B 175 17.60 -1.68 19.00
CA ASN B 175 17.59 -1.68 18.99
C ASN B 175 18.09 -2.17 17.63
N ILE B 176 17.36 -3.11 17.04
CA ILE B 176 17.63 -3.56 15.69
C ILE B 176 16.45 -3.18 14.80
N THR B 177 16.76 -2.52 13.69
CA THR B 177 15.74 -2.14 12.70
C THR B 177 15.78 -3.12 11.54
N ALA B 178 14.65 -3.23 10.85
CA ALA B 178 14.62 -4.10 9.67
C ALA B 178 13.77 -3.46 8.59
N ASN B 179 14.35 -3.27 7.42
CA ASN B 179 13.68 -2.61 6.31
C ASN B 179 13.96 -3.40 5.05
N ALA B 180 13.20 -3.12 4.00
CA ALA B 180 13.44 -3.80 2.73
C ALA B 180 13.57 -2.77 1.64
N VAL B 181 14.23 -3.15 0.55
CA VAL B 181 14.32 -2.29 -0.62
C VAL B 181 13.73 -3.06 -1.79
N THR B 182 12.92 -2.41 -2.61
CA THR B 182 12.42 -3.04 -3.83
C THR B 182 13.01 -2.37 -5.07
N PRO B 183 14.11 -2.93 -5.60
CA PRO B 183 14.65 -2.39 -6.86
C PRO B 183 13.68 -2.66 -8.00
N GLY B 184 13.66 -1.76 -8.98
CA GLY B 184 13.04 -2.08 -10.25
C GLY B 184 14.05 -2.88 -11.08
N LEU B 185 13.83 -2.95 -12.39
CA LEU B 185 14.76 -3.69 -13.25
C LEU B 185 16.12 -3.00 -13.23
N ILE B 186 17.15 -3.76 -12.89
CA ILE B 186 18.51 -3.22 -12.81
C ILE B 186 19.43 -3.97 -13.77
N GLU B 187 20.29 -3.23 -14.46
CA GLU B 187 21.18 -3.81 -15.44
C GLU B 187 22.37 -4.47 -14.75
N SER B 188 22.10 -5.55 -14.02
CA SER B 188 23.14 -6.27 -13.30
C SER B 188 23.68 -7.37 -14.22
N ASP B 189 24.81 -7.96 -13.84
CA ASP B 189 25.39 -9.05 -14.61
C ASP B 189 24.34 -10.14 -14.87
N GLY B 190 23.58 -10.50 -13.83
CA GLY B 190 22.59 -11.57 -13.93
C GLY B 190 21.46 -11.24 -14.90
N VAL B 191 21.03 -9.99 -14.89
CA VAL B 191 19.97 -9.56 -15.78
C VAL B 191 20.49 -9.52 -17.21
N LYS B 192 21.70 -8.99 -17.39
CA LYS B 192 22.31 -8.93 -18.71
C LYS B 192 22.48 -10.32 -19.30
N ALA B 193 22.44 -11.35 -18.46
CA ALA B 193 22.66 -12.71 -18.91
C ALA B 193 21.36 -13.51 -19.09
N SER B 194 20.22 -12.86 -18.90
CA SER B 194 18.94 -13.55 -18.97
C SER B 194 17.99 -12.82 -19.91
N PRO B 195 16.83 -13.43 -20.20
CA PRO B 195 15.83 -12.76 -21.03
C PRO B 195 15.30 -11.46 -20.40
N HIS B 196 15.51 -11.28 -19.10
CA HIS B 196 15.14 -10.03 -18.46
C HIS B 196 15.86 -8.84 -19.09
N ASN B 197 16.98 -9.11 -19.75
CA ASN B 197 17.73 -8.06 -20.44
C ASN B 197 16.91 -7.41 -21.56
N GLU B 198 15.90 -8.13 -22.08
CA GLU B 198 15.06 -7.58 -23.14
C GLU B 198 13.85 -6.80 -22.62
N ALA B 199 13.72 -6.73 -21.30
CA ALA B 199 12.58 -6.03 -20.68
C ALA B 199 12.81 -4.53 -20.47
N PHE B 200 14.03 -4.05 -20.71
CA PHE B 200 14.33 -2.65 -20.48
C PHE B 200 13.47 -1.66 -21.26
N GLY B 201 13.17 -1.98 -22.53
CA GLY B 201 12.32 -1.10 -23.33
C GLY B 201 10.97 -0.87 -22.67
N PHE B 202 10.26 -1.95 -22.37
CA PHE B 202 8.96 -1.86 -21.72
C PHE B 202 9.09 -1.14 -20.38
N VAL B 203 10.09 -1.51 -19.59
CA VAL B 203 10.24 -0.91 -18.26
C VAL B 203 10.55 0.59 -18.32
N GLU B 204 11.52 0.99 -19.14
CA GLU B 204 11.84 2.40 -19.26
C GLU B 204 10.65 3.22 -19.73
N MET B 205 9.77 2.58 -20.50
CA MET B 205 8.56 3.24 -20.99
C MET B 205 7.67 3.61 -19.82
N LEU B 206 7.69 2.77 -18.78
CA LEU B 206 6.83 2.96 -17.60
C LEU B 206 7.45 3.88 -16.54
N GLN B 207 8.78 3.98 -16.55
CA GLN B 207 9.48 4.86 -15.61
C GLN B 207 9.13 6.34 -15.83
N ALA B 208 9.18 7.12 -14.75
CA ALA B 208 9.01 8.57 -14.85
C ALA B 208 10.29 9.20 -15.42
N MET B 209 11.42 8.53 -15.18
CA MET B 209 12.72 9.00 -15.67
C MET B 209 13.35 7.95 -16.57
N LYS B 210 13.98 8.38 -17.66
CA LYS B 210 14.64 7.54 -18.66
CA LYS B 210 14.53 7.40 -18.57
C LYS B 210 15.91 6.90 -18.13
N GLY B 211 16.36 5.84 -18.78
CA GLY B 211 17.63 5.22 -18.43
C GLY B 211 17.46 3.83 -17.85
N LYS B 212 18.49 2.99 -17.98
CA LYS B 212 18.50 1.68 -17.33
C LYS B 212 18.99 1.81 -15.90
N GLY B 213 18.24 1.23 -14.97
CA GLY B 213 18.68 1.21 -13.59
C GLY B 213 20.01 0.49 -13.45
N GLN B 214 20.84 0.95 -12.53
CA GLN B 214 22.17 0.40 -12.35
C GLN B 214 22.33 -0.09 -10.92
N PRO B 215 23.25 -1.06 -10.70
CA PRO B 215 23.48 -1.57 -9.35
C PRO B 215 23.78 -0.46 -8.34
N GLU B 216 24.51 0.57 -8.77
CA GLU B 216 24.84 1.67 -7.88
C GLU B 216 23.56 2.43 -7.44
N HIS B 217 22.53 2.42 -8.28
CA HIS B 217 21.27 3.06 -7.91
C HIS B 217 20.72 2.45 -6.63
N ILE B 218 20.96 1.16 -6.44
CA ILE B 218 20.44 0.42 -5.29
C ILE B 218 21.41 0.53 -4.13
N ALA B 219 22.69 0.42 -4.46
CA ALA B 219 23.76 0.45 -3.46
C ALA B 219 23.70 1.74 -2.66
N ASP B 220 23.44 2.85 -3.34
CA ASP B 220 23.41 4.15 -2.68
C ASP B 220 22.25 4.29 -1.70
N VAL B 221 21.13 3.63 -1.99
CA VAL B 221 20.00 3.64 -1.08
C VAL B 221 20.28 2.75 0.14
N VAL B 222 20.83 1.56 -0.12
CA VAL B 222 21.22 0.67 0.96
C VAL B 222 22.19 1.37 1.92
N SER B 223 23.11 2.16 1.37
CA SER B 223 24.02 2.97 2.20
C SER B 223 23.27 3.83 3.19
N PHE B 224 22.20 4.47 2.72
CA PHE B 224 21.40 5.31 3.59
C PHE B 224 20.74 4.46 4.68
N LEU B 225 20.13 3.35 4.29
CA LEU B 225 19.43 2.49 5.24
C LEU B 225 20.37 1.88 6.29
N ALA B 226 21.65 1.77 5.94
CA ALA B 226 22.65 1.27 6.89
C ALA B 226 23.13 2.32 7.90
N SER B 227 22.84 3.59 7.60
CA SER B 227 23.39 4.71 8.37
C SER B 227 22.49 5.20 9.51
N ASP B 228 23.03 6.11 10.32
CA ASP B 228 22.28 6.66 11.45
C ASP B 228 21.12 7.52 10.96
N ASP B 229 21.19 7.98 9.71
CA ASP B 229 20.16 8.84 9.16
C ASP B 229 18.81 8.12 9.04
N ALA B 230 18.87 6.79 8.97
CA ALA B 230 17.66 5.97 8.83
C ALA B 230 17.18 5.40 10.16
N ARG B 231 17.70 5.91 11.28
CA ARG B 231 17.45 5.29 12.58
C ARG B 231 15.97 5.24 13.03
N TRP B 232 15.15 6.12 12.49
CA TRP B 232 13.75 6.18 12.89
C TRP B 232 12.90 5.39 11.90
N ILE B 233 13.55 4.71 10.97
CA ILE B 233 12.83 3.89 9.99
C ILE B 233 12.98 2.41 10.30
N THR B 234 11.86 1.74 10.54
CA THR B 234 11.90 0.30 10.71
C THR B 234 10.57 -0.33 10.31
N GLY B 235 10.65 -1.50 9.69
CA GLY B 235 9.49 -2.19 9.17
C GLY B 235 9.01 -1.66 7.82
N GLN B 236 9.83 -0.87 7.15
CA GLN B 236 9.38 -0.15 5.96
C GLN B 236 10.00 -0.75 4.70
N THR B 237 9.39 -0.44 3.55
CA THR B 237 9.93 -0.85 2.25
C THR B 237 10.16 0.39 1.36
N LEU B 238 11.37 0.51 0.83
CA LEU B 238 11.72 1.65 -0.01
CA LEU B 238 11.73 1.65 -0.01
C LEU B 238 11.85 1.19 -1.46
N ASN B 239 11.00 1.73 -2.32
CA ASN B 239 10.94 1.34 -3.72
C ASN B 239 11.85 2.22 -4.57
N VAL B 240 12.75 1.60 -5.33
CA VAL B 240 13.82 2.32 -6.01
C VAL B 240 13.81 1.89 -7.48
N ASP B 241 13.05 2.61 -8.32
CA ASP B 241 12.76 2.09 -9.64
C ASP B 241 12.48 3.17 -10.68
N ALA B 242 12.95 4.39 -10.42
CA ALA B 242 12.74 5.50 -11.36
C ALA B 242 11.25 5.73 -11.60
N GLY B 243 10.43 5.34 -10.64
CA GLY B 243 8.99 5.56 -10.72
C GLY B 243 8.18 4.56 -11.53
N MET B 244 8.67 3.35 -11.76
CA MET B 244 7.89 2.39 -12.54
C MET B 244 6.56 2.08 -11.86
N VAL B 245 6.57 1.97 -10.53
CA VAL B 245 5.34 1.89 -9.74
C VAL B 245 5.45 2.90 -8.63
N ARG B 246 4.38 3.08 -7.87
CA ARG B 246 4.37 4.08 -6.81
CA ARG B 246 4.33 4.09 -6.83
C ARG B 246 4.07 3.43 -5.48
N HIS B 247 5.03 3.50 -4.58
CA HIS B 247 4.87 3.02 -3.21
C HIS B 247 5.15 4.23 -2.33
N THR C 1 -29.48 -20.92 -2.75
CA THR C 1 -29.25 -21.05 -4.19
C THR C 1 -29.09 -19.69 -4.86
N GLU C 2 -29.12 -19.70 -6.19
CA GLU C 2 -29.08 -18.49 -7.00
C GLU C 2 -27.75 -17.76 -7.05
N ARG C 3 -27.17 -17.73 -8.24
CA ARG C 3 -25.97 -16.96 -8.57
C ARG C 3 -24.75 -17.85 -8.78
N LEU C 4 -24.52 -18.81 -7.90
CA LEU C 4 -23.47 -19.80 -8.17
C LEU C 4 -24.05 -21.14 -8.62
N ALA C 5 -25.34 -21.14 -8.94
CA ALA C 5 -25.99 -22.35 -9.46
C ALA C 5 -25.22 -22.91 -10.64
N GLY C 6 -24.81 -24.16 -10.53
CA GLY C 6 -24.08 -24.82 -11.60
C GLY C 6 -22.57 -24.77 -11.40
N LYS C 7 -22.12 -23.91 -10.49
CA LYS C 7 -20.70 -23.69 -10.22
C LYS C 7 -20.20 -24.68 -9.18
N THR C 8 -18.95 -25.10 -9.34
CA THR C 8 -18.27 -25.94 -8.36
C THR C 8 -17.16 -25.14 -7.66
N ALA C 9 -17.19 -25.09 -6.34
CA ALA C 9 -16.17 -24.37 -5.58
C ALA C 9 -15.44 -25.33 -4.66
N LEU C 10 -14.11 -25.28 -4.70
CA LEU C 10 -13.28 -26.07 -3.80
C LEU C 10 -12.82 -25.15 -2.68
N VAL C 11 -13.05 -25.56 -1.44
CA VAL C 11 -12.55 -24.82 -0.29
C VAL C 11 -11.64 -25.74 0.52
N THR C 12 -10.36 -25.39 0.59
CA THR C 12 -9.41 -26.19 1.35
C THR C 12 -9.44 -25.77 2.83
N GLY C 13 -9.09 -26.69 3.72
CA GLY C 13 -9.09 -26.43 5.16
C GLY C 13 -10.47 -26.10 5.71
N ALA C 14 -11.50 -26.72 5.13
CA ALA C 14 -12.89 -26.33 5.37
C ALA C 14 -13.61 -27.19 6.41
N ALA C 15 -12.86 -27.96 7.18
CA ALA C 15 -13.45 -28.79 8.24
C ALA C 15 -13.93 -27.95 9.42
N GLN C 16 -13.33 -26.78 9.63
CA GLN C 16 -13.74 -25.92 10.74
C GLN C 16 -13.43 -24.45 10.42
N GLY C 17 -13.86 -23.56 11.31
CA GLY C 17 -13.46 -22.16 11.24
C GLY C 17 -13.91 -21.43 9.99
N ILE C 18 -13.05 -20.55 9.50
CA ILE C 18 -13.36 -19.72 8.35
C ILE C 18 -13.65 -20.58 7.11
N GLY C 19 -12.86 -21.64 6.93
CA GLY C 19 -13.04 -22.49 5.78
C GLY C 19 -14.44 -23.10 5.74
N LYS C 20 -14.90 -23.57 6.89
CA LYS C 20 -16.23 -24.15 6.97
C LYS C 20 -17.29 -23.10 6.63
N ALA C 21 -17.12 -21.90 7.17
CA ALA C 21 -18.09 -20.84 6.97
C ALA C 21 -18.16 -20.42 5.51
N ILE C 22 -17.00 -20.39 4.86
CA ILE C 22 -16.93 -20.08 3.44
C ILE C 22 -17.69 -21.13 2.64
N ALA C 23 -17.38 -22.40 2.93
CA ALA C 23 -18.04 -23.50 2.24
C ALA C 23 -19.56 -23.41 2.41
N ALA C 24 -20.02 -23.17 3.65
CA ALA C 24 -21.44 -23.04 3.90
C ALA C 24 -22.07 -21.91 3.07
N ARG C 25 -21.40 -20.76 3.03
CA ARG C 25 -21.95 -19.60 2.34
C ARG C 25 -22.02 -19.84 0.83
N LEU C 26 -20.96 -20.41 0.26
CA LEU C 26 -20.94 -20.67 -1.17
C LEU C 26 -22.02 -21.68 -1.57
N ALA C 27 -22.27 -22.65 -0.70
CA ALA C 27 -23.38 -23.58 -0.89
C ALA C 27 -24.71 -22.83 -0.86
N ALA C 28 -24.89 -21.99 0.16
CA ALA C 28 -26.05 -21.13 0.24
C ALA C 28 -26.24 -20.32 -1.04
N ASP C 29 -25.12 -19.89 -1.62
CA ASP C 29 -25.11 -19.17 -2.89
C ASP C 29 -25.51 -20.04 -4.08
N GLY C 30 -25.49 -21.35 -3.90
CA GLY C 30 -25.95 -22.26 -4.93
C GLY C 30 -24.87 -23.12 -5.57
N ALA C 31 -23.63 -22.99 -5.12
CA ALA C 31 -22.57 -23.77 -5.72
C ALA C 31 -22.53 -25.20 -5.17
N THR C 32 -22.04 -26.12 -5.99
CA THR C 32 -21.62 -27.41 -5.47
C THR C 32 -20.28 -27.17 -4.79
N VAL C 33 -20.16 -27.57 -3.53
CA VAL C 33 -18.98 -27.26 -2.76
C VAL C 33 -18.18 -28.51 -2.43
N ILE C 34 -16.89 -28.49 -2.74
CA ILE C 34 -16.00 -29.53 -2.29
C ILE C 34 -15.36 -29.04 -1.00
N VAL C 35 -15.66 -29.76 0.07
CA VAL C 35 -15.12 -29.47 1.40
C VAL C 35 -13.87 -30.32 1.58
N SER C 36 -12.69 -29.70 1.60
CA SER C 36 -11.44 -30.47 1.71
C SER C 36 -10.67 -30.10 2.97
N ASP C 37 -10.03 -31.09 3.59
CA ASP C 37 -9.25 -30.83 4.78
C ASP C 37 -8.29 -31.98 5.02
N ILE C 38 -7.20 -31.73 5.75
CA ILE C 38 -6.25 -32.80 6.04
C ILE C 38 -6.90 -33.76 7.03
N ASN C 39 -7.82 -33.23 7.83
CA ASN C 39 -8.57 -34.01 8.79
C ASN C 39 -9.77 -34.63 8.07
N ALA C 40 -9.66 -35.89 7.70
CA ALA C 40 -10.68 -36.56 6.87
C ALA C 40 -12.05 -36.61 7.53
N GLU C 41 -12.07 -36.91 8.82
CA GLU C 41 -13.33 -36.96 9.56
C GLU C 41 -13.95 -35.58 9.72
N GLY C 42 -13.11 -34.58 9.98
CA GLY C 42 -13.57 -33.21 10.04
C GLY C 42 -14.19 -32.72 8.74
N ALA C 43 -13.60 -33.13 7.61
CA ALA C 43 -14.16 -32.75 6.31
C ALA C 43 -15.53 -33.37 6.10
N LYS C 44 -15.67 -34.64 6.49
CA LYS C 44 -16.96 -35.32 6.37
CA LYS C 44 -16.94 -35.35 6.40
C LYS C 44 -18.02 -34.65 7.23
N ALA C 45 -17.66 -34.30 8.46
CA ALA C 45 -18.60 -33.62 9.35
C ALA C 45 -18.99 -32.26 8.78
N ALA C 46 -18.01 -31.53 8.26
CA ALA C 46 -18.31 -30.22 7.70
C ALA C 46 -19.25 -30.33 6.51
N ALA C 47 -19.00 -31.29 5.61
CA ALA C 47 -19.90 -31.48 4.47
C ALA C 47 -21.31 -31.81 4.94
N ALA C 48 -21.43 -32.73 5.90
CA ALA C 48 -22.74 -33.07 6.45
C ALA C 48 -23.47 -31.86 7.04
N SER C 49 -22.71 -30.95 7.64
CA SER C 49 -23.28 -29.74 8.24
CA SER C 49 -23.30 -29.75 8.25
C SER C 49 -23.90 -28.85 7.18
N ILE C 50 -23.32 -28.87 5.99
CA ILE C 50 -23.79 -28.04 4.89
C ILE C 50 -24.95 -28.70 4.18
N GLY C 51 -24.82 -29.98 3.85
CA GLY C 51 -25.92 -30.68 3.23
C GLY C 51 -25.64 -31.25 1.85
N LYS C 52 -26.70 -31.35 1.05
CA LYS C 52 -26.65 -32.04 -0.23
C LYS C 52 -25.65 -31.46 -1.23
N LYS C 53 -25.34 -30.18 -1.06
CA LYS C 53 -24.48 -29.49 -2.01
C LYS C 53 -23.00 -29.68 -1.73
N ALA C 54 -22.67 -30.30 -0.60
CA ALA C 54 -21.28 -30.50 -0.20
C ALA C 54 -20.83 -31.96 -0.34
N ARG C 55 -19.62 -32.15 -0.84
CA ARG C 55 -18.97 -33.46 -0.77
C ARG C 55 -17.63 -33.27 -0.09
N ALA C 56 -17.26 -34.20 0.80
CA ALA C 56 -15.98 -34.13 1.50
C ALA C 56 -14.93 -34.95 0.78
N ILE C 57 -13.76 -34.35 0.57
CA ILE C 57 -12.60 -35.06 0.05
C ILE C 57 -11.36 -34.68 0.84
N ALA C 58 -10.79 -35.62 1.60
CA ALA C 58 -9.60 -35.31 2.38
C ALA C 58 -8.43 -35.01 1.47
N ALA C 59 -7.59 -34.07 1.88
CA ALA C 59 -6.35 -33.74 1.17
C ALA C 59 -5.40 -32.94 2.07
N ASP C 60 -4.10 -33.19 1.90
CA ASP C 60 -3.05 -32.42 2.55
C ASP C 60 -2.51 -31.52 1.46
N ILE C 61 -2.72 -30.21 1.58
CA ILE C 61 -2.34 -29.29 0.51
C ILE C 61 -0.83 -29.25 0.24
N SER C 62 -0.02 -29.68 1.22
CA SER C 62 1.43 -29.66 1.05
C SER C 62 1.98 -30.91 0.37
N ASP C 63 1.10 -31.85 0.07
CA ASP C 63 1.48 -33.15 -0.45
C ASP C 63 1.02 -33.22 -1.90
N PRO C 64 1.97 -33.17 -2.85
CA PRO C 64 1.57 -33.09 -4.25
C PRO C 64 0.66 -34.24 -4.66
N GLY C 65 0.95 -35.44 -4.18
CA GLY C 65 0.17 -36.62 -4.56
C GLY C 65 -1.26 -36.55 -4.05
N SER C 66 -1.41 -36.06 -2.83
CA SER C 66 -2.71 -35.95 -2.19
C SER C 66 -3.56 -34.94 -2.95
N VAL C 67 -2.93 -33.84 -3.35
CA VAL C 67 -3.63 -32.80 -4.11
C VAL C 67 -4.05 -33.31 -5.49
N LYS C 68 -3.19 -34.12 -6.09
CA LYS C 68 -3.48 -34.68 -7.41
C LYS C 68 -4.71 -35.59 -7.35
N ALA C 69 -4.76 -36.44 -6.34
CA ALA C 69 -5.90 -37.33 -6.15
C ALA C 69 -7.16 -36.50 -5.90
N LEU C 70 -7.02 -35.47 -5.08
CA LEU C 70 -8.11 -34.54 -4.78
C LEU C 70 -8.74 -34.04 -6.06
N PHE C 71 -7.92 -33.52 -6.98
CA PHE C 71 -8.46 -32.94 -8.20
C PHE C 71 -9.01 -33.97 -9.19
N ALA C 72 -8.40 -35.15 -9.22
CA ALA C 72 -8.92 -36.23 -10.05
C ALA C 72 -10.35 -36.58 -9.61
N GLU C 73 -10.56 -36.63 -8.31
CA GLU C 73 -11.87 -36.97 -7.77
C GLU C 73 -12.87 -35.86 -8.09
N ILE C 74 -12.46 -34.61 -7.93
CA ILE C 74 -13.34 -33.50 -8.22
C ILE C 74 -13.73 -33.50 -9.69
N GLN C 75 -12.77 -33.74 -10.57
CA GLN C 75 -13.05 -33.71 -12.01
C GLN C 75 -14.17 -34.71 -12.33
N ALA C 76 -14.06 -35.91 -11.77
CA ALA C 76 -15.09 -36.95 -11.93
C ALA C 76 -16.45 -36.53 -11.38
N LEU C 77 -16.46 -35.94 -10.19
CA LEU C 77 -17.72 -35.58 -9.56
C LEU C 77 -18.45 -34.45 -10.29
N THR C 78 -17.70 -33.47 -10.79
CA THR C 78 -18.31 -32.19 -11.17
C THR C 78 -17.92 -31.64 -12.52
N GLY C 79 -16.88 -32.19 -13.14
CA GLY C 79 -16.38 -31.63 -14.39
C GLY C 79 -15.36 -30.52 -14.19
N GLY C 80 -14.97 -30.28 -12.95
CA GLY C 80 -13.89 -29.34 -12.67
C GLY C 80 -14.34 -28.08 -11.97
N ILE C 81 -13.47 -27.53 -11.14
CA ILE C 81 -13.85 -26.36 -10.35
C ILE C 81 -14.01 -25.10 -11.20
N ASP C 82 -14.88 -24.22 -10.73
CA ASP C 82 -15.00 -22.87 -11.26
C ASP C 82 -14.33 -21.91 -10.28
N ILE C 83 -14.33 -22.31 -9.01
CA ILE C 83 -13.88 -21.46 -7.92
C ILE C 83 -12.92 -22.23 -7.01
N LEU C 84 -11.78 -21.63 -6.74
CA LEU C 84 -10.82 -22.18 -5.79
C LEU C 84 -10.67 -21.21 -4.62
N VAL C 85 -10.94 -21.69 -3.41
CA VAL C 85 -10.65 -20.91 -2.21
C VAL C 85 -9.53 -21.56 -1.42
N ASN C 86 -8.36 -20.91 -1.45
CA ASN C 86 -7.17 -21.39 -0.74
C ASN C 86 -7.22 -20.92 0.71
N ASN C 87 -7.76 -21.76 1.57
CA ASN C 87 -8.03 -21.35 2.94
C ASN C 87 -7.16 -22.10 3.94
N ALA C 88 -6.74 -23.31 3.58
CA ALA C 88 -5.92 -24.11 4.49
C ALA C 88 -4.62 -23.41 4.87
N SER C 89 -4.30 -23.51 6.15
CA SER C 89 -3.07 -22.94 6.69
C SER C 89 -2.94 -23.36 8.14
N ILE C 90 -1.71 -23.33 8.63
CA ILE C 90 -1.44 -23.43 10.05
C ILE C 90 -1.33 -22.02 10.61
N VAL C 91 -2.07 -21.75 11.68
CA VAL C 91 -2.01 -20.45 12.36
C VAL C 91 -1.27 -20.63 13.68
N PRO C 92 0.03 -20.32 13.71
CA PRO C 92 0.82 -20.60 14.91
C PRO C 92 0.84 -19.42 15.87
N PHE C 93 1.21 -19.69 17.11
CA PHE C 93 1.57 -18.62 18.04
C PHE C 93 2.94 -19.01 18.55
N VAL C 94 3.96 -18.31 18.09
CA VAL C 94 5.33 -18.69 18.37
CA VAL C 94 5.33 -18.69 18.38
C VAL C 94 6.21 -17.47 18.64
N ALA C 95 6.76 -17.39 19.85
CA ALA C 95 7.66 -16.30 20.18
C ALA C 95 8.84 -16.30 19.20
N TRP C 96 9.35 -15.11 18.86
CA TRP C 96 10.43 -14.99 17.88
C TRP C 96 11.59 -15.96 18.17
N ASP C 97 12.08 -15.98 19.41
CA ASP C 97 13.20 -16.84 19.73
C ASP C 97 12.91 -18.35 19.60
N ASP C 98 11.63 -18.68 19.41
CA ASP C 98 11.22 -20.08 19.20
C ASP C 98 10.97 -20.36 17.73
N VAL C 99 11.20 -19.35 16.89
CA VAL C 99 11.06 -19.53 15.46
C VAL C 99 12.38 -20.07 14.93
N ASP C 100 12.47 -21.38 14.84
CA ASP C 100 13.66 -22.00 14.27
C ASP C 100 13.35 -22.49 12.87
N LEU C 101 14.38 -23.00 12.22
CA LEU C 101 14.29 -23.42 10.83
C LEU C 101 13.25 -24.51 10.63
N ASP C 102 13.12 -25.40 11.60
CA ASP C 102 12.12 -26.46 11.47
C ASP C 102 10.71 -25.85 11.45
N HIS C 103 10.43 -24.93 12.38
CA HIS C 103 9.14 -24.26 12.41
C HIS C 103 8.90 -23.44 11.13
N TRP C 104 9.90 -22.67 10.74
CA TRP C 104 9.81 -21.88 9.51
C TRP C 104 9.44 -22.74 8.30
N ARG C 105 10.17 -23.83 8.07
CA ARG C 105 9.85 -24.68 6.92
C ARG C 105 8.42 -25.23 6.95
N LYS C 106 7.95 -25.64 8.13
CA LYS C 106 6.62 -26.22 8.25
C LYS C 106 5.55 -25.22 7.82
N ILE C 107 5.68 -23.98 8.31
CA ILE C 107 4.70 -22.93 8.01
C ILE C 107 4.75 -22.56 6.54
N ILE C 108 5.95 -22.32 6.03
CA ILE C 108 6.11 -22.03 4.60
C ILE C 108 5.58 -23.18 3.76
N ASP C 109 5.91 -24.40 4.16
CA ASP C 109 5.58 -25.57 3.36
C ASP C 109 4.08 -25.71 3.15
N VAL C 110 3.30 -25.48 4.22
CA VAL C 110 1.85 -25.57 4.13
C VAL C 110 1.20 -24.30 3.61
N ASN C 111 1.45 -23.18 4.28
CA ASN C 111 0.72 -21.96 4.00
C ASN C 111 1.04 -21.32 2.66
N LEU C 112 2.28 -21.47 2.20
CA LEU C 112 2.71 -20.85 0.96
C LEU C 112 2.87 -21.90 -0.15
N THR C 113 3.71 -22.90 0.08
CA THR C 113 3.94 -23.89 -0.98
C THR C 113 2.68 -24.74 -1.25
N GLY C 114 1.97 -25.11 -0.18
CA GLY C 114 0.73 -25.84 -0.35
C GLY C 114 -0.26 -25.03 -1.17
N THR C 115 -0.25 -23.72 -0.95
CA THR C 115 -1.12 -22.83 -1.70
C THR C 115 -0.74 -22.92 -3.18
N PHE C 116 0.55 -22.94 -3.46
CA PHE C 116 0.99 -23.12 -4.85
C PHE C 116 0.53 -24.46 -5.44
N ILE C 117 0.74 -25.54 -4.69
CA ILE C 117 0.40 -26.87 -5.20
C ILE C 117 -1.08 -26.93 -5.60
N VAL C 118 -1.95 -26.42 -4.74
CA VAL C 118 -3.39 -26.46 -5.00
C VAL C 118 -3.78 -25.57 -6.19
N THR C 119 -3.18 -24.40 -6.28
CA THR C 119 -3.51 -23.45 -7.34
C THR C 119 -2.98 -23.92 -8.70
N ARG C 120 -1.79 -24.50 -8.69
CA ARG C 120 -1.23 -25.12 -9.89
C ARG C 120 -2.22 -26.14 -10.48
N ALA C 121 -2.63 -27.10 -9.67
CA ALA C 121 -3.53 -28.15 -10.13
C ALA C 121 -4.91 -27.61 -10.41
N GLY C 122 -5.36 -26.68 -9.56
CA GLY C 122 -6.70 -26.15 -9.69
C GLY C 122 -6.86 -25.32 -10.95
N THR C 123 -5.91 -24.41 -11.20
CA THR C 123 -6.01 -23.54 -12.37
C THR C 123 -5.76 -24.33 -13.65
N ASP C 124 -4.91 -25.34 -13.57
CA ASP C 124 -4.72 -26.27 -14.68
C ASP C 124 -6.02 -27.03 -14.98
N GLN C 125 -6.74 -27.42 -13.93
CA GLN C 125 -8.05 -28.06 -14.10
C GLN C 125 -9.06 -27.12 -14.78
N MET C 126 -9.09 -25.87 -14.30
CA MET C 126 -9.94 -24.85 -14.89
C MET C 126 -9.70 -24.69 -16.39
N ARG C 127 -8.44 -24.57 -16.75
CA ARG C 127 -8.07 -24.31 -18.13
C ARG C 127 -8.42 -25.51 -19.02
N ALA C 128 -8.18 -26.71 -18.51
CA ALA C 128 -8.43 -27.93 -19.27
C ALA C 128 -9.92 -28.09 -19.57
N ALA C 129 -10.75 -27.62 -18.65
CA ALA C 129 -12.20 -27.67 -18.84
C ALA C 129 -12.68 -26.43 -19.57
N GLY C 130 -11.77 -25.50 -19.84
CA GLY C 130 -12.12 -24.27 -20.52
C GLY C 130 -13.11 -23.46 -19.72
N LYS C 131 -12.97 -23.47 -18.41
CA LYS C 131 -13.84 -22.69 -17.53
C LYS C 131 -13.21 -21.35 -17.16
N ALA C 132 -14.00 -20.28 -17.23
CA ALA C 132 -13.60 -19.05 -16.57
C ALA C 132 -13.48 -19.47 -15.12
N GLY C 133 -12.54 -18.88 -14.39
CA GLY C 133 -12.33 -19.30 -13.03
C GLY C 133 -12.05 -18.16 -12.09
N ARG C 134 -12.17 -18.43 -10.80
CA ARG C 134 -11.90 -17.46 -9.76
C ARG C 134 -11.06 -18.11 -8.68
N VAL C 135 -9.89 -17.53 -8.43
CA VAL C 135 -9.02 -18.00 -7.36
C VAL C 135 -9.06 -16.98 -6.27
N ILE C 136 -9.34 -17.42 -5.05
CA ILE C 136 -9.40 -16.51 -3.90
C ILE C 136 -8.56 -17.14 -2.82
N SER C 137 -7.52 -16.45 -2.39
CA SER C 137 -6.67 -17.00 -1.35
C SER C 137 -6.82 -16.20 -0.07
N ILE C 138 -6.90 -16.91 1.05
CA ILE C 138 -7.00 -16.26 2.35
C ILE C 138 -5.61 -15.99 2.89
N ALA C 139 -5.26 -14.72 3.01
CA ALA C 139 -4.00 -14.34 3.61
C ALA C 139 -4.29 -13.91 5.04
N SER C 140 -3.83 -12.72 5.43
CA SER C 140 -4.00 -12.28 6.82
C SER C 140 -3.61 -10.80 6.90
N ASN C 141 -4.34 -10.01 7.70
CA ASN C 141 -3.93 -8.62 7.87
C ASN C 141 -2.65 -8.46 8.70
N THR C 142 -2.12 -9.57 9.22
CA THR C 142 -0.84 -9.52 9.91
C THR C 142 0.27 -9.08 8.94
N PHE C 143 0.05 -9.33 7.66
CA PHE C 143 0.99 -8.85 6.64
C PHE C 143 1.11 -7.33 6.65
N PHE C 144 0.00 -6.66 6.97
CA PHE C 144 -0.01 -5.21 7.00
C PHE C 144 0.49 -4.71 8.36
N ALA C 145 0.17 -5.44 9.42
CA ALA C 145 0.45 -4.99 10.78
C ALA C 145 1.83 -5.37 11.30
N GLY C 146 2.42 -6.41 10.74
CA GLY C 146 3.68 -6.91 11.26
C GLY C 146 3.49 -7.49 12.66
N THR C 147 2.35 -8.12 12.88
CA THR C 147 1.96 -8.72 14.16
C THR C 147 3.04 -9.64 14.75
N PRO C 148 3.31 -9.52 16.05
CA PRO C 148 4.35 -10.37 16.64
C PRO C 148 3.86 -11.79 16.93
N ASN C 149 4.79 -12.65 17.32
CA ASN C 149 4.51 -14.04 17.66
C ASN C 149 4.03 -14.88 16.48
N MET C 150 4.33 -14.45 15.26
CA MET C 150 4.00 -15.28 14.11
C MET C 150 4.87 -14.98 12.88
N ALA C 151 6.17 -14.81 13.11
CA ALA C 151 7.03 -14.34 12.04
C ALA C 151 7.00 -15.19 10.76
N ALA C 152 7.02 -16.51 10.88
CA ALA C 152 7.03 -17.36 9.68
C ALA C 152 5.68 -17.27 8.97
N TYR C 153 4.62 -17.16 9.76
CA TYR C 153 3.28 -17.04 9.23
C TYR C 153 3.11 -15.76 8.41
N VAL C 154 3.61 -14.65 8.94
CA VAL C 154 3.50 -13.36 8.25
C VAL C 154 4.28 -13.39 6.93
N ALA C 155 5.46 -14.02 6.96
CA ALA C 155 6.24 -14.22 5.74
C ALA C 155 5.43 -15.01 4.73
N ALA C 156 4.93 -16.17 5.14
CA ALA C 156 4.14 -17.00 4.25
C ALA C 156 2.94 -16.24 3.65
N LYS C 157 2.27 -15.43 4.45
CA LYS C 157 1.08 -14.73 3.98
C LYS C 157 1.46 -13.61 3.01
N GLY C 158 2.61 -12.99 3.25
CA GLY C 158 3.17 -12.06 2.30
C GLY C 158 3.46 -12.78 0.98
N GLY C 159 3.92 -14.03 1.09
CA GLY C 159 4.12 -14.87 -0.07
C GLY C 159 2.81 -15.11 -0.81
N VAL C 160 1.75 -15.40 -0.07
CA VAL C 160 0.46 -15.62 -0.71
C VAL C 160 -0.03 -14.38 -1.48
N ILE C 161 0.19 -13.20 -0.92
CA ILE C 161 -0.20 -11.96 -1.58
C ILE C 161 0.62 -11.74 -2.87
N GLY C 162 1.92 -11.96 -2.80
CA GLY C 162 2.76 -11.77 -3.98
C GLY C 162 2.36 -12.74 -5.08
N PHE C 163 2.15 -14.00 -4.68
CA PHE C 163 1.72 -15.06 -5.60
C PHE C 163 0.43 -14.68 -6.29
N THR C 164 -0.50 -14.11 -5.52
CA THR C 164 -1.79 -13.66 -6.05
C THR C 164 -1.60 -12.62 -7.13
N ARG C 165 -0.76 -11.63 -6.86
CA ARG C 165 -0.52 -10.57 -7.84
C ARG C 165 0.10 -11.10 -9.12
N ALA C 166 1.05 -12.02 -8.99
CA ALA C 166 1.69 -12.62 -10.16
C ALA C 166 0.69 -13.49 -10.94
N LEU C 167 -0.05 -14.30 -10.21
CA LEU C 167 -1.00 -15.22 -10.82
C LEU C 167 -2.05 -14.48 -11.65
N ALA C 168 -2.51 -13.34 -11.13
CA ALA C 168 -3.50 -12.57 -11.87
C ALA C 168 -2.94 -12.17 -13.24
N THR C 169 -1.66 -11.83 -13.27
CA THR C 169 -1.03 -11.44 -14.53
C THR C 169 -0.95 -12.67 -15.45
N GLU C 170 -0.55 -13.79 -14.88
CA GLU C 170 -0.35 -14.99 -15.70
C GLU C 170 -1.66 -15.54 -16.28
N LEU C 171 -2.75 -15.43 -15.53
CA LEU C 171 -3.95 -16.20 -15.86
C LEU C 171 -5.11 -15.39 -16.46
N GLY C 172 -5.00 -14.07 -16.44
CA GLY C 172 -6.04 -13.22 -16.98
C GLY C 172 -6.41 -13.61 -18.40
N LYS C 173 -5.41 -13.98 -19.19
CA LYS C 173 -5.62 -14.39 -20.58
C LYS C 173 -6.57 -15.60 -20.70
N TYR C 174 -6.65 -16.40 -19.63
CA TYR C 174 -7.50 -17.59 -19.63
C TYR C 174 -8.83 -17.28 -18.95
N ASN C 175 -9.08 -16.00 -18.72
CA ASN C 175 -10.29 -15.54 -18.04
CA ASN C 175 -10.27 -15.53 -18.03
C ASN C 175 -10.40 -16.13 -16.63
N ILE C 176 -9.27 -16.19 -15.95
CA ILE C 176 -9.22 -16.58 -14.54
C ILE C 176 -8.73 -15.36 -13.76
N THR C 177 -9.44 -15.01 -12.68
CA THR C 177 -8.99 -13.93 -11.84
C THR C 177 -8.40 -14.50 -10.55
N ALA C 178 -7.54 -13.73 -9.90
CA ALA C 178 -6.96 -14.17 -8.65
C ALA C 178 -6.88 -13.00 -7.69
N ASN C 179 -7.54 -13.16 -6.54
CA ASN C 179 -7.58 -12.12 -5.54
C ASN C 179 -7.27 -12.73 -4.19
N ALA C 180 -7.02 -11.87 -3.22
CA ALA C 180 -6.71 -12.34 -1.87
C ALA C 180 -7.58 -11.59 -0.87
N VAL C 181 -7.85 -12.23 0.25
CA VAL C 181 -8.55 -11.59 1.36
C VAL C 181 -7.63 -11.60 2.57
N THR C 182 -7.54 -10.47 3.27
CA THR C 182 -6.78 -10.44 4.51
C THR C 182 -7.72 -10.25 5.70
N PRO C 183 -8.13 -11.35 6.34
CA PRO C 183 -8.96 -11.23 7.56
C PRO C 183 -8.15 -10.64 8.69
N GLY C 184 -8.78 -9.87 9.56
CA GLY C 184 -8.18 -9.54 10.85
C GLY C 184 -8.41 -10.70 11.81
N LEU C 185 -8.27 -10.47 13.11
CA LEU C 185 -8.52 -11.53 14.08
C LEU C 185 -9.98 -11.97 14.05
N ILE C 186 -10.17 -13.28 13.89
CA ILE C 186 -11.50 -13.86 13.73
C ILE C 186 -11.69 -14.94 14.78
N GLU C 187 -12.86 -14.95 15.41
CA GLU C 187 -13.12 -15.90 16.48
C GLU C 187 -13.46 -17.28 15.92
N SER C 188 -12.46 -17.94 15.34
CA SER C 188 -12.68 -19.22 14.71
C SER C 188 -12.35 -20.33 15.70
N ASP C 189 -12.78 -21.54 15.39
CA ASP C 189 -12.42 -22.72 16.18
C ASP C 189 -10.93 -22.71 16.54
N GLY C 190 -10.08 -22.54 15.53
CA GLY C 190 -8.64 -22.49 15.73
C GLY C 190 -8.14 -21.39 16.68
N VAL C 191 -8.65 -20.18 16.48
CA VAL C 191 -8.23 -19.08 17.34
C VAL C 191 -8.76 -19.27 18.76
N LYS C 192 -10.01 -19.69 18.88
CA LYS C 192 -10.59 -20.00 20.19
C LYS C 192 -9.68 -20.90 21.02
N ALA C 193 -8.97 -21.79 20.33
CA ALA C 193 -8.18 -22.83 20.99
C ALA C 193 -6.71 -22.47 21.14
N SER C 194 -6.36 -21.21 20.86
CA SER C 194 -4.96 -20.79 20.86
C SER C 194 -4.77 -19.52 21.69
N PRO C 195 -3.50 -19.17 21.99
CA PRO C 195 -3.20 -17.95 22.74
C PRO C 195 -3.67 -16.68 22.02
N HIS C 196 -3.91 -16.76 20.71
CA HIS C 196 -4.46 -15.61 20.01
C HIS C 196 -5.83 -15.22 20.58
N ASN C 197 -6.50 -16.16 21.23
CA ASN C 197 -7.80 -15.85 21.83
C ASN C 197 -7.69 -14.66 22.77
N GLU C 198 -6.51 -14.48 23.36
CA GLU C 198 -6.29 -13.42 24.32
CA GLU C 198 -6.28 -13.42 24.32
C GLU C 198 -5.98 -12.08 23.66
N ALA C 199 -5.97 -12.07 22.33
CA ALA C 199 -5.64 -10.84 21.61
C ALA C 199 -6.87 -9.97 21.31
N PHE C 200 -8.05 -10.45 21.63
CA PHE C 200 -9.25 -9.72 21.26
C PHE C 200 -9.33 -8.32 21.89
N GLY C 201 -8.95 -8.21 23.15
CA GLY C 201 -8.96 -6.91 23.82
C GLY C 201 -8.17 -5.86 23.06
N PHE C 202 -6.94 -6.21 22.71
CA PHE C 202 -6.05 -5.29 22.00
C PHE C 202 -6.57 -5.01 20.60
N VAL C 203 -6.90 -6.07 19.86
CA VAL C 203 -7.40 -5.91 18.51
C VAL C 203 -8.66 -5.06 18.46
N GLU C 204 -9.62 -5.38 19.31
CA GLU C 204 -10.86 -4.62 19.37
C GLU C 204 -10.60 -3.13 19.62
N MET C 205 -9.63 -2.81 20.46
CA MET C 205 -9.30 -1.41 20.73
C MET C 205 -8.83 -0.69 19.47
N LEU C 206 -8.14 -1.41 18.61
CA LEU C 206 -7.59 -0.84 17.38
C LEU C 206 -8.63 -0.77 16.28
N GLN C 207 -9.65 -1.63 16.35
CA GLN C 207 -10.75 -1.60 15.38
C GLN C 207 -11.53 -0.29 15.40
N ALA C 208 -11.97 0.16 14.22
CA ALA C 208 -12.87 1.31 14.13
C ALA C 208 -14.26 0.94 14.64
N MET C 209 -14.64 -0.33 14.44
CA MET C 209 -15.92 -0.85 14.90
C MET C 209 -15.65 -1.94 15.91
N LYS C 210 -16.47 -2.04 16.94
CA LYS C 210 -16.21 -3.00 18.00
C LYS C 210 -16.85 -4.34 17.72
N GLY C 211 -16.45 -5.36 18.49
CA GLY C 211 -16.97 -6.69 18.33
C GLY C 211 -15.90 -7.65 17.86
N LYS C 212 -16.01 -8.91 18.25
CA LYS C 212 -15.09 -9.94 17.78
C LYS C 212 -15.47 -10.33 16.36
N GLY C 213 -14.48 -10.36 15.48
CA GLY C 213 -14.71 -10.82 14.12
C GLY C 213 -15.18 -12.26 14.10
N GLN C 214 -16.10 -12.57 13.19
CA GLN C 214 -16.63 -13.92 13.08
C GLN C 214 -16.32 -14.56 11.72
N PRO C 215 -16.33 -15.90 11.66
CA PRO C 215 -16.03 -16.56 10.39
C PRO C 215 -16.95 -16.07 9.29
N GLU C 216 -18.20 -15.79 9.62
CA GLU C 216 -19.18 -15.35 8.63
C GLU C 216 -18.79 -14.00 8.01
N HIS C 217 -18.04 -13.19 8.76
CA HIS C 217 -17.57 -11.89 8.28
C HIS C 217 -16.67 -12.07 7.07
N ILE C 218 -15.90 -13.15 7.11
CA ILE C 218 -14.99 -13.47 6.02
C ILE C 218 -15.73 -14.24 4.92
N ALA C 219 -16.56 -15.21 5.32
CA ALA C 219 -17.32 -15.99 4.35
C ALA C 219 -18.15 -15.11 3.44
N ASP C 220 -18.71 -14.04 3.97
CA ASP C 220 -19.58 -13.17 3.18
C ASP C 220 -18.84 -12.32 2.14
N VAL C 221 -17.58 -12.01 2.40
CA VAL C 221 -16.76 -11.32 1.42
C VAL C 221 -16.26 -12.27 0.35
N VAL C 222 -15.90 -13.48 0.76
CA VAL C 222 -15.45 -14.49 -0.19
C VAL C 222 -16.58 -14.78 -1.18
N SER C 223 -17.81 -14.78 -0.66
CA SER C 223 -18.99 -14.94 -1.50
C SER C 223 -19.01 -13.89 -2.61
N PHE C 224 -18.75 -12.63 -2.25
CA PHE C 224 -18.72 -11.57 -3.23
C PHE C 224 -17.64 -11.81 -4.29
N LEU C 225 -16.43 -12.14 -3.82
CA LEU C 225 -15.30 -12.38 -4.71
C LEU C 225 -15.51 -13.57 -5.65
N ALA C 226 -16.31 -14.54 -5.22
CA ALA C 226 -16.65 -15.70 -6.05
C ALA C 226 -17.69 -15.39 -7.13
N SER C 227 -18.39 -14.28 -6.97
CA SER C 227 -19.53 -13.95 -7.82
C SER C 227 -19.17 -13.05 -9.00
N ASP C 228 -20.12 -12.91 -9.92
CA ASP C 228 -19.95 -12.07 -11.08
C ASP C 228 -19.78 -10.60 -10.75
N ASP C 229 -20.25 -10.18 -9.57
CA ASP C 229 -20.11 -8.78 -9.19
C ASP C 229 -18.64 -8.36 -9.08
N ALA C 230 -17.75 -9.33 -8.90
CA ALA C 230 -16.32 -9.03 -8.72
C ALA C 230 -15.53 -9.24 -10.00
N ARG C 231 -16.22 -9.35 -11.14
CA ARG C 231 -15.58 -9.82 -12.36
C ARG C 231 -14.49 -8.90 -12.89
N TRP C 232 -14.51 -7.64 -12.48
CA TRP C 232 -13.53 -6.67 -12.95
C TRP C 232 -12.39 -6.51 -11.95
N ILE C 233 -12.40 -7.32 -10.90
CA ILE C 233 -11.37 -7.29 -9.87
C ILE C 233 -10.42 -8.49 -10.03
N THR C 234 -9.14 -8.20 -10.25
CA THR C 234 -8.15 -9.27 -10.27
C THR C 234 -6.79 -8.71 -9.86
N GLY C 235 -6.04 -9.51 -9.09
CA GLY C 235 -4.73 -9.09 -8.58
C GLY C 235 -4.80 -8.25 -7.31
N GLN C 236 -5.98 -8.19 -6.71
CA GLN C 236 -6.24 -7.28 -5.61
C GLN C 236 -6.31 -8.01 -4.28
N THR C 237 -6.13 -7.25 -3.20
CA THR C 237 -6.26 -7.77 -1.83
C THR C 237 -7.32 -6.95 -1.07
N LEU C 238 -8.33 -7.65 -0.55
CA LEU C 238 -9.41 -6.99 0.18
CA LEU C 238 -9.42 -7.00 0.19
C LEU C 238 -9.23 -7.28 1.66
N ASN C 239 -9.17 -6.23 2.46
CA ASN C 239 -8.88 -6.34 3.89
C ASN C 239 -10.13 -6.28 4.73
N VAL C 240 -10.35 -7.28 5.57
CA VAL C 240 -11.64 -7.43 6.24
C VAL C 240 -11.38 -7.60 7.72
N ASP C 241 -11.36 -6.48 8.45
CA ASP C 241 -10.86 -6.50 9.82
C ASP C 241 -11.45 -5.41 10.71
N ALA C 242 -12.63 -4.90 10.32
CA ALA C 242 -13.31 -3.87 11.09
C ALA C 242 -12.45 -2.61 11.26
N GLY C 243 -11.47 -2.44 10.38
CA GLY C 243 -10.66 -1.23 10.38
C GLY C 243 -9.41 -1.27 11.25
N MET C 244 -8.95 -2.45 11.64
CA MET C 244 -7.72 -2.51 12.44
C MET C 244 -6.54 -1.88 11.69
N VAL C 245 -6.40 -2.19 10.41
CA VAL C 245 -5.40 -1.48 9.59
C VAL C 245 -6.13 -0.93 8.35
N ARG C 246 -5.47 -0.04 7.62
CA ARG C 246 -6.12 0.55 6.45
CA ARG C 246 -6.10 0.60 6.46
C ARG C 246 -5.41 0.19 5.17
N HIS C 247 -6.15 -0.47 4.28
CA HIS C 247 -5.66 -0.84 2.97
C HIS C 247 -6.66 -0.33 1.93
N THR D 1 29.41 14.65 3.57
CA THR D 1 30.10 15.77 4.20
C THR D 1 29.46 17.10 3.80
N GLU D 2 29.80 17.55 2.60
CA GLU D 2 29.22 18.76 2.03
C GLU D 2 28.67 18.40 0.67
N ARG D 3 27.91 17.30 0.63
CA ARG D 3 27.37 16.83 -0.63
C ARG D 3 26.44 17.85 -1.28
N LEU D 4 25.90 18.77 -0.48
CA LEU D 4 25.00 19.78 -1.03
C LEU D 4 25.67 21.11 -1.33
N ALA D 5 26.99 21.17 -1.18
CA ALA D 5 27.70 22.40 -1.49
C ALA D 5 27.34 22.84 -2.90
N GLY D 6 26.96 24.10 -3.06
CA GLY D 6 26.62 24.64 -4.36
C GLY D 6 25.16 24.44 -4.72
N LYS D 7 24.38 23.88 -3.81
CA LYS D 7 22.95 23.71 -4.06
C LYS D 7 22.19 24.71 -3.20
N THR D 8 20.99 25.06 -3.66
CA THR D 8 20.11 25.94 -2.90
C THR D 8 18.84 25.20 -2.56
N ALA D 9 18.46 25.24 -1.29
CA ALA D 9 17.24 24.58 -0.82
C ALA D 9 16.26 25.57 -0.19
N LEU D 10 14.98 25.49 -0.57
CA LEU D 10 13.94 26.24 0.14
C LEU D 10 13.17 25.30 1.07
N VAL D 11 13.08 25.65 2.35
CA VAL D 11 12.21 24.94 3.31
C VAL D 11 11.09 25.84 3.80
N THR D 12 9.84 25.46 3.53
CA THR D 12 8.70 26.23 4.02
C THR D 12 8.31 25.77 5.43
N GLY D 13 7.63 26.64 6.18
CA GLY D 13 7.30 26.35 7.56
C GLY D 13 8.51 26.04 8.41
N ALA D 14 9.63 26.70 8.12
CA ALA D 14 10.91 26.37 8.78
C ALA D 14 11.23 27.23 10.00
N ALA D 15 10.25 27.93 10.57
CA ALA D 15 10.48 28.73 11.76
C ALA D 15 10.72 27.85 12.99
N GLN D 16 10.13 26.66 13.00
CA GLN D 16 10.27 25.78 14.14
C GLN D 16 10.04 24.34 13.75
N GLY D 17 10.11 23.44 14.73
CA GLY D 17 9.71 22.07 14.54
C GLY D 17 10.49 21.36 13.45
N ILE D 18 9.78 20.55 12.69
CA ILE D 18 10.40 19.71 11.68
C ILE D 18 11.06 20.52 10.57
N GLY D 19 10.43 21.61 10.17
CA GLY D 19 10.96 22.44 9.10
C GLY D 19 12.27 23.12 9.47
N LYS D 20 12.37 23.58 10.71
CA LYS D 20 13.59 24.20 11.18
C LYS D 20 14.73 23.16 11.20
N ALA D 21 14.41 21.96 11.68
CA ALA D 21 15.40 20.89 11.75
C ALA D 21 15.84 20.45 10.35
N ILE D 22 14.90 20.41 9.42
CA ILE D 22 15.25 20.08 8.05
C ILE D 22 16.19 21.13 7.50
N ALA D 23 15.84 22.40 7.70
CA ALA D 23 16.65 23.50 7.21
C ALA D 23 18.07 23.44 7.78
N ALA D 24 18.17 23.18 9.08
CA ALA D 24 19.47 23.10 9.74
C ALA D 24 20.32 21.95 9.19
N ARG D 25 19.68 20.80 8.95
CA ARG D 25 20.40 19.65 8.40
C ARG D 25 20.89 19.90 6.96
N LEU D 26 20.06 20.51 6.12
CA LEU D 26 20.51 20.78 4.75
C LEU D 26 21.67 21.78 4.73
N ALA D 27 21.62 22.77 5.62
CA ALA D 27 22.74 23.70 5.79
C ALA D 27 24.02 22.96 6.21
N ALA D 28 23.87 22.00 7.13
CA ALA D 28 25.00 21.20 7.56
C ALA D 28 25.56 20.36 6.41
N ASP D 29 24.68 19.92 5.52
CA ASP D 29 25.08 19.19 4.32
C ASP D 29 25.80 20.08 3.31
N GLY D 30 25.73 21.39 3.52
CA GLY D 30 26.42 22.32 2.66
C GLY D 30 25.57 23.24 1.78
N ALA D 31 24.25 23.10 1.86
CA ALA D 31 23.36 23.88 1.01
C ALA D 31 23.22 25.32 1.48
N THR D 32 22.97 26.22 0.54
CA THR D 32 22.40 27.52 0.87
C THR D 32 20.91 27.29 1.13
N VAL D 33 20.44 27.69 2.30
CA VAL D 33 19.09 27.36 2.72
C VAL D 33 18.26 28.60 2.91
N ILE D 34 17.10 28.63 2.28
CA ILE D 34 16.11 29.68 2.48
C ILE D 34 15.11 29.19 3.51
N VAL D 35 15.10 29.85 4.67
CA VAL D 35 14.19 29.53 5.75
C VAL D 35 12.92 30.35 5.59
N SER D 36 11.82 29.71 5.20
CA SER D 36 10.59 30.47 4.96
C SER D 36 9.46 30.05 5.87
N ASP D 37 8.70 31.05 6.35
CA ASP D 37 7.59 30.78 7.24
C ASP D 37 6.64 31.98 7.24
N ILE D 38 5.37 31.73 7.52
CA ILE D 38 4.41 32.83 7.64
C ILE D 38 4.75 33.64 8.89
N ASN D 39 5.44 32.98 9.83
CA ASN D 39 5.89 33.65 11.05
C ASN D 39 7.27 34.27 10.79
N ALA D 40 7.27 35.56 10.43
CA ALA D 40 8.49 36.27 10.05
C ALA D 40 9.52 36.29 11.16
N GLU D 41 9.08 36.57 12.38
CA GLU D 41 9.94 36.62 13.54
C GLU D 41 10.56 35.25 13.80
N GLY D 42 9.74 34.21 13.71
CA GLY D 42 10.22 32.85 13.83
C GLY D 42 11.23 32.50 12.74
N ALA D 43 10.95 32.88 11.51
CA ALA D 43 11.88 32.57 10.42
C ALA D 43 13.24 33.22 10.66
N LYS D 44 13.25 34.46 11.14
CA LYS D 44 14.54 35.11 11.43
C LYS D 44 15.29 34.37 12.54
N ALA D 45 14.57 34.00 13.59
CA ALA D 45 15.21 33.27 14.69
C ALA D 45 15.80 31.96 14.17
N ALA D 46 15.02 31.23 13.38
CA ALA D 46 15.50 29.95 12.84
C ALA D 46 16.76 30.11 11.98
N ALA D 47 16.76 31.10 11.08
CA ALA D 47 17.91 31.30 10.20
C ALA D 47 19.14 31.69 11.02
N ALA D 48 18.91 32.42 12.10
CA ALA D 48 20.00 32.84 12.98
C ALA D 48 20.59 31.65 13.75
N SER D 49 19.72 30.75 14.20
CA SER D 49 20.15 29.57 14.93
C SER D 49 20.98 28.64 14.04
N ILE D 50 20.74 28.73 12.74
CA ILE D 50 21.41 27.84 11.80
C ILE D 50 22.77 28.41 11.40
N GLY D 51 22.82 29.71 11.14
CA GLY D 51 24.08 30.35 10.84
C GLY D 51 24.11 30.98 9.46
N LYS D 52 25.33 31.25 8.97
CA LYS D 52 25.50 32.07 7.77
C LYS D 52 24.92 31.47 6.50
N LYS D 53 24.74 30.16 6.48
CA LYS D 53 24.22 29.47 5.30
C LYS D 53 22.73 29.69 5.11
N ALA D 54 22.06 30.21 6.14
CA ALA D 54 20.60 30.33 6.08
C ALA D 54 20.10 31.77 6.05
N ARG D 55 19.13 32.04 5.19
CA ARG D 55 18.50 33.35 5.15
C ARG D 55 17.00 33.21 5.31
N ALA D 56 16.41 34.05 6.15
CA ALA D 56 14.97 34.04 6.38
C ALA D 56 14.25 34.91 5.36
N ILE D 57 13.27 34.31 4.67
CA ILE D 57 12.35 35.07 3.81
C ILE D 57 10.93 34.63 4.12
N ALA D 58 10.15 35.51 4.74
CA ALA D 58 8.79 35.16 5.15
C ALA D 58 7.86 35.00 3.95
N ALA D 59 6.96 34.02 4.05
CA ALA D 59 5.92 33.84 3.05
C ALA D 59 4.77 33.04 3.62
N ASP D 60 3.58 33.33 3.13
CA ASP D 60 2.38 32.56 3.43
C ASP D 60 2.16 31.69 2.19
N ILE D 61 2.29 30.37 2.35
CA ILE D 61 2.24 29.49 1.18
C ILE D 61 0.87 29.41 0.51
N SER D 62 -0.17 29.91 1.18
CA SER D 62 -1.52 29.88 0.62
C SER D 62 -1.82 31.12 -0.20
N ASP D 63 -0.90 32.09 -0.15
CA ASP D 63 -1.03 33.37 -0.85
C ASP D 63 -0.13 33.38 -2.08
N PRO D 64 -0.72 33.26 -3.28
CA PRO D 64 0.05 33.17 -4.52
C PRO D 64 1.00 34.36 -4.70
N GLY D 65 0.55 35.54 -4.32
CA GLY D 65 1.37 36.74 -4.41
C GLY D 65 2.57 36.67 -3.48
N SER D 66 2.34 36.25 -2.25
CA SER D 66 3.41 36.09 -1.27
C SER D 66 4.46 35.12 -1.79
N VAL D 67 4.01 34.03 -2.37
CA VAL D 67 4.92 33.00 -2.89
C VAL D 67 5.72 33.51 -4.09
N LYS D 68 5.08 34.28 -4.95
CA LYS D 68 5.75 34.85 -6.11
C LYS D 68 6.96 35.70 -5.69
N ALA D 69 6.72 36.59 -4.71
CA ALA D 69 7.76 37.47 -4.21
C ALA D 69 8.89 36.68 -3.55
N LEU D 70 8.51 35.65 -2.78
CA LEU D 70 9.50 34.75 -2.18
C LEU D 70 10.45 34.20 -3.25
N PHE D 71 9.89 33.59 -4.28
CA PHE D 71 10.72 33.00 -5.32
C PHE D 71 11.46 34.03 -6.16
N ALA D 72 10.92 35.23 -6.26
CA ALA D 72 11.65 36.28 -6.97
C ALA D 72 12.91 36.65 -6.19
N GLU D 73 12.79 36.75 -4.88
CA GLU D 73 13.96 37.09 -4.08
C GLU D 73 15.00 35.98 -4.10
N ILE D 74 14.54 34.74 -4.04
CA ILE D 74 15.43 33.59 -4.17
C ILE D 74 16.15 33.58 -5.52
N GLN D 75 15.41 33.86 -6.60
CA GLN D 75 16.04 33.88 -7.92
C GLN D 75 17.14 34.94 -7.96
N ALA D 76 16.88 36.06 -7.31
CA ALA D 76 17.83 37.17 -7.30
C ALA D 76 19.09 36.79 -6.53
N LEU D 77 18.92 36.05 -5.44
CA LEU D 77 20.04 35.73 -4.56
C LEU D 77 20.87 34.53 -5.00
N THR D 78 20.24 33.56 -5.65
CA THR D 78 20.89 32.27 -5.83
C THR D 78 20.85 31.76 -7.26
N GLY D 79 19.97 32.31 -8.08
CA GLY D 79 19.82 31.84 -9.45
C GLY D 79 18.82 30.68 -9.55
N GLY D 80 18.19 30.36 -8.42
CA GLY D 80 17.12 29.37 -8.41
C GLY D 80 17.37 28.20 -7.48
N ILE D 81 16.31 27.69 -6.87
CA ILE D 81 16.45 26.54 -5.98
C ILE D 81 16.80 25.28 -6.76
N ASP D 82 17.49 24.36 -6.08
CA ASP D 82 17.74 23.01 -6.57
C ASP D 82 16.84 22.03 -5.82
N ILE D 83 16.44 22.40 -4.61
CA ILE D 83 15.68 21.53 -3.73
C ILE D 83 14.51 22.28 -3.12
N LEU D 84 13.32 21.68 -3.20
CA LEU D 84 12.13 22.23 -2.53
C LEU D 84 11.63 21.28 -1.47
N VAL D 85 11.49 21.79 -0.25
CA VAL D 85 10.92 20.98 0.82
C VAL D 85 9.62 21.63 1.27
N ASN D 86 8.52 20.99 0.90
CA ASN D 86 7.18 21.45 1.24
C ASN D 86 6.86 20.96 2.63
N ASN D 87 7.14 21.79 3.63
CA ASN D 87 6.96 21.40 5.02
C ASN D 87 5.84 22.16 5.72
N ALA D 88 5.56 23.40 5.30
CA ALA D 88 4.55 24.23 5.97
C ALA D 88 3.19 23.53 6.00
N SER D 89 2.55 23.56 7.17
CA SER D 89 1.16 23.07 7.29
C SER D 89 0.63 23.48 8.65
N ILE D 90 -0.70 23.53 8.75
CA ILE D 90 -1.35 23.62 10.04
C ILE D 90 -1.63 22.21 10.54
N VAL D 91 -1.30 21.95 11.80
CA VAL D 91 -1.54 20.64 12.39
C VAL D 91 -2.59 20.75 13.46
N PRO D 92 -3.86 20.52 13.10
CA PRO D 92 -4.99 20.79 14.00
C PRO D 92 -5.38 19.59 14.85
N PHE D 93 -6.09 19.88 15.93
CA PHE D 93 -6.76 18.85 16.71
C PHE D 93 -8.20 19.30 16.77
N VAL D 94 -9.05 18.64 16.00
CA VAL D 94 -10.45 19.02 15.90
C VAL D 94 -11.29 17.75 15.95
N ALA D 95 -12.14 17.64 16.96
CA ALA D 95 -13.09 16.54 17.03
C ALA D 95 -13.93 16.52 15.75
N TRP D 96 -14.26 15.33 15.24
CA TRP D 96 -15.01 15.23 14.00
C TRP D 96 -16.24 16.16 13.93
N ASP D 97 -16.99 16.26 15.03
CA ASP D 97 -18.19 17.11 15.00
C ASP D 97 -17.90 18.61 14.95
N ASP D 98 -16.64 18.99 15.16
CA ASP D 98 -16.21 20.38 15.02
C ASP D 98 -15.55 20.64 13.66
N VAL D 99 -15.51 19.61 12.83
CA VAL D 99 -15.02 19.79 11.47
C VAL D 99 -16.15 20.32 10.58
N ASP D 100 -16.26 21.63 10.52
CA ASP D 100 -17.20 22.28 9.61
C ASP D 100 -16.49 22.75 8.35
N LEU D 101 -17.25 23.31 7.41
CA LEU D 101 -16.72 23.70 6.12
C LEU D 101 -15.62 24.76 6.23
N ASP D 102 -15.78 25.69 7.17
CA ASP D 102 -14.76 26.73 7.38
C ASP D 102 -13.43 26.07 7.73
N HIS D 103 -13.46 25.16 8.71
CA HIS D 103 -12.27 24.47 9.13
C HIS D 103 -11.67 23.64 8.00
N TRP D 104 -12.53 22.86 7.34
CA TRP D 104 -12.10 22.06 6.20
C TRP D 104 -11.41 22.91 5.13
N ARG D 105 -12.04 24.00 4.73
CA ARG D 105 -11.46 24.84 3.68
C ARG D 105 -10.11 25.42 4.12
N LYS D 106 -10.00 25.77 5.40
CA LYS D 106 -8.77 26.37 5.91
C LYS D 106 -7.57 25.42 5.79
N ILE D 107 -7.77 24.19 6.22
CA ILE D 107 -6.72 23.16 6.21
C ILE D 107 -6.40 22.77 4.78
N ILE D 108 -7.42 22.54 3.96
CA ILE D 108 -7.17 22.21 2.57
C ILE D 108 -6.43 23.35 1.87
N ASP D 109 -6.80 24.59 2.19
CA ASP D 109 -6.21 25.75 1.53
C ASP D 109 -4.71 25.84 1.79
N VAL D 110 -4.32 25.72 3.05
CA VAL D 110 -2.90 25.80 3.39
C VAL D 110 -2.13 24.52 3.05
N ASN D 111 -2.55 23.40 3.65
CA ASN D 111 -1.82 22.14 3.58
C ASN D 111 -1.72 21.52 2.18
N LEU D 112 -2.80 21.63 1.41
CA LEU D 112 -2.83 21.04 0.09
C LEU D 112 -2.64 22.07 -1.02
N THR D 113 -3.49 23.07 -1.06
CA THR D 113 -3.38 24.07 -2.12
C THR D 113 -2.09 24.90 -1.99
N GLY D 114 -1.74 25.27 -0.76
CA GLY D 114 -0.49 25.97 -0.53
C GLY D 114 0.66 25.16 -1.08
N THR D 115 0.65 23.84 -0.83
CA THR D 115 1.67 22.95 -1.37
C THR D 115 1.73 23.03 -2.89
N PHE D 116 0.57 23.11 -3.54
CA PHE D 116 0.55 23.29 -5.00
C PHE D 116 1.12 24.64 -5.44
N ILE D 117 0.70 25.73 -4.78
CA ILE D 117 1.17 27.07 -5.15
C ILE D 117 2.70 27.14 -5.08
N VAL D 118 3.26 26.57 -4.02
CA VAL D 118 4.69 26.61 -3.81
C VAL D 118 5.40 25.71 -4.81
N THR D 119 4.84 24.52 -5.04
CA THR D 119 5.43 23.57 -6.00
C THR D 119 5.35 24.08 -7.45
N ARG D 120 4.23 24.69 -7.80
CA ARG D 120 4.09 25.32 -9.12
C ARG D 120 5.25 26.30 -9.34
N ALA D 121 5.32 27.32 -8.49
CA ALA D 121 6.34 28.36 -8.63
C ALA D 121 7.77 27.81 -8.53
N GLY D 122 7.97 26.85 -7.63
CA GLY D 122 9.29 26.32 -7.37
C GLY D 122 9.85 25.44 -8.47
N THR D 123 9.04 24.51 -8.97
CA THR D 123 9.49 23.65 -10.05
C THR D 123 9.57 24.43 -11.35
N ASP D 124 8.75 25.48 -11.47
CA ASP D 124 8.89 26.35 -12.63
C ASP D 124 10.25 27.05 -12.59
N GLN D 125 10.65 27.46 -11.40
CA GLN D 125 11.96 28.10 -11.20
C GLN D 125 13.11 27.12 -11.51
N MET D 126 12.97 25.86 -11.08
CA MET D 126 13.97 24.83 -11.36
C MET D 126 14.18 24.66 -12.85
N ARG D 127 13.08 24.53 -13.57
CA ARG D 127 13.10 24.30 -15.02
C ARG D 127 13.67 25.49 -15.80
N ALA D 128 13.33 26.71 -15.38
CA ALA D 128 13.86 27.91 -16.03
C ALA D 128 15.37 27.99 -15.89
N ALA D 129 15.89 27.53 -14.75
CA ALA D 129 17.32 27.54 -14.48
C ALA D 129 18.07 26.30 -14.97
N GLY D 130 17.34 25.41 -15.66
CA GLY D 130 17.93 24.18 -16.17
C GLY D 130 18.47 23.25 -15.09
N LYS D 131 17.90 23.32 -13.90
CA LYS D 131 18.41 22.53 -12.79
C LYS D 131 17.67 21.23 -12.60
N ALA D 132 18.41 20.15 -12.34
N ALA D 132 18.42 20.14 -12.50
CA ALA D 132 17.82 18.83 -12.04
CA ALA D 132 17.86 18.91 -11.99
C ALA D 132 17.40 18.70 -10.57
C ALA D 132 17.43 19.35 -10.61
N GLY D 133 16.17 19.11 -10.27
CA GLY D 133 15.73 19.38 -8.92
C GLY D 133 15.15 18.23 -8.13
N ARG D 134 14.91 18.50 -6.86
CA ARG D 134 14.33 17.55 -5.93
CA ARG D 134 14.27 17.54 -6.00
C ARG D 134 13.16 18.21 -5.22
N VAL D 135 11.96 17.63 -5.33
CA VAL D 135 10.82 18.11 -4.59
C VAL D 135 10.56 17.07 -3.52
N ILE D 136 10.52 17.52 -2.27
CA ILE D 136 10.27 16.62 -1.14
C ILE D 136 9.15 17.22 -0.32
N SER D 137 8.02 16.53 -0.25
CA SER D 137 6.88 17.03 0.50
C SER D 137 6.64 16.27 1.77
N ILE D 138 6.41 16.99 2.87
CA ILE D 138 6.12 16.36 4.14
C ILE D 138 4.63 16.07 4.27
N ALA D 139 4.27 14.79 4.25
CA ALA D 139 2.89 14.38 4.47
C ALA D 139 2.74 13.97 5.93
N SER D 140 2.20 12.79 6.19
CA SER D 140 1.92 12.35 7.56
C SER D 140 1.53 10.88 7.55
N ASN D 141 1.98 10.11 8.54
CA ASN D 141 1.56 8.72 8.60
C ASN D 141 0.10 8.55 8.99
N THR D 142 -0.54 9.65 9.39
CA THR D 142 -1.96 9.62 9.69
C THR D 142 -2.75 9.19 8.46
N PHE D 143 -2.19 9.42 7.26
CA PHE D 143 -2.83 8.96 6.04
C PHE D 143 -2.95 7.43 5.99
N PHE D 144 -1.94 6.74 6.54
CA PHE D 144 -1.94 5.28 6.60
C PHE D 144 -2.78 4.79 7.76
N ALA D 145 -2.73 5.51 8.88
CA ALA D 145 -3.39 5.11 10.13
C ALA D 145 -4.88 5.49 10.22
N GLY D 146 -5.28 6.55 9.55
CA GLY D 146 -6.64 7.05 9.67
C GLY D 146 -6.88 7.69 11.03
N THR D 147 -5.85 8.34 11.55
CA THR D 147 -5.90 8.95 12.89
C THR D 147 -7.09 9.87 13.09
N PRO D 148 -7.73 9.77 14.27
CA PRO D 148 -8.88 10.62 14.61
C PRO D 148 -8.51 12.05 15.01
N ASN D 149 -9.51 12.93 15.04
CA ASN D 149 -9.35 14.31 15.47
C ASN D 149 -8.56 15.19 14.50
N MET D 150 -8.47 14.76 13.24
CA MET D 150 -7.82 15.60 12.24
C MET D 150 -8.30 15.25 10.83
N ALA D 151 -9.61 15.07 10.68
CA ALA D 151 -10.17 14.57 9.42
C ALA D 151 -9.80 15.39 8.17
N ALA D 152 -9.81 16.72 8.27
CA ALA D 152 -9.46 17.54 7.10
C ALA D 152 -7.97 17.44 6.81
N TYR D 153 -7.19 17.37 7.88
CA TYR D 153 -5.74 17.23 7.77
C TYR D 153 -5.36 15.92 7.08
N VAL D 154 -6.00 14.82 7.47
CA VAL D 154 -5.68 13.53 6.85
C VAL D 154 -6.04 13.57 5.38
N ALA D 155 -7.16 14.20 5.05
CA ALA D 155 -7.56 14.36 3.66
C ALA D 155 -6.49 15.14 2.91
N ALA D 156 -6.08 16.28 3.48
CA ALA D 156 -5.08 17.12 2.84
C ALA D 156 -3.76 16.37 2.59
N LYS D 157 -3.32 15.59 3.56
CA LYS D 157 -2.05 14.87 3.43
C LYS D 157 -2.18 13.75 2.39
N GLY D 158 -3.36 13.12 2.30
CA GLY D 158 -3.60 12.20 1.21
C GLY D 158 -3.51 12.91 -0.13
N GLY D 159 -3.96 14.16 -0.17
CA GLY D 159 -3.84 14.98 -1.37
C GLY D 159 -2.38 15.23 -1.73
N VAL D 160 -1.57 15.50 -0.71
CA VAL D 160 -0.13 15.71 -0.92
C VAL D 160 0.54 14.46 -1.51
N ILE D 161 0.18 13.27 -1.03
CA ILE D 161 0.72 12.03 -1.58
C ILE D 161 0.26 11.84 -3.03
N GLY D 162 -1.03 12.05 -3.30
CA GLY D 162 -1.54 11.96 -4.66
C GLY D 162 -0.81 12.92 -5.57
N PHE D 163 -0.68 14.17 -5.12
CA PHE D 163 0.01 15.22 -5.87
C PHE D 163 1.45 14.80 -6.17
N THR D 164 2.10 14.22 -5.18
CA THR D 164 3.50 13.79 -5.31
C THR D 164 3.59 12.72 -6.40
N ARG D 165 2.66 11.77 -6.36
CA ARG D 165 2.66 10.69 -7.35
C ARG D 165 2.45 11.22 -8.77
N ALA D 166 1.46 12.09 -8.96
CA ALA D 166 1.27 12.73 -10.28
C ALA D 166 2.46 13.58 -10.72
N LEU D 167 2.97 14.40 -9.81
CA LEU D 167 4.08 15.30 -10.11
C LEU D 167 5.32 14.55 -10.60
N ALA D 168 5.59 13.40 -10.00
CA ALA D 168 6.77 12.62 -10.37
C ALA D 168 6.68 12.25 -11.85
N THR D 169 5.48 11.87 -12.27
CA THR D 169 5.22 11.55 -13.68
C THR D 169 5.39 12.77 -14.57
N GLU D 170 4.87 13.91 -14.13
CA GLU D 170 4.91 15.12 -14.95
C GLU D 170 6.33 15.68 -15.12
N LEU D 171 7.15 15.54 -14.09
CA LEU D 171 8.43 16.25 -14.08
C LEU D 171 9.67 15.41 -14.35
N GLY D 172 9.51 14.09 -14.43
CA GLY D 172 10.65 13.21 -14.66
C GLY D 172 11.39 13.60 -15.93
N LYS D 173 10.64 14.07 -16.92
CA LYS D 173 11.22 14.46 -18.21
C LYS D 173 12.11 15.69 -18.07
N TYR D 174 11.96 16.44 -16.99
CA TYR D 174 12.78 17.62 -16.75
C TYR D 174 13.88 17.33 -15.73
N ASN D 175 14.11 16.06 -15.47
CA ASN D 175 15.10 15.64 -14.49
C ASN D 175 14.78 16.16 -13.10
N ILE D 176 13.51 16.19 -12.76
CA ILE D 176 13.10 16.55 -11.41
C ILE D 176 12.39 15.36 -10.77
N THR D 177 12.75 15.05 -9.54
CA THR D 177 12.08 13.98 -8.82
C THR D 177 11.18 14.58 -7.77
N ALA D 178 10.14 13.83 -7.42
CA ALA D 178 9.20 14.26 -6.39
C ALA D 178 8.87 13.10 -5.47
N ASN D 179 9.13 13.28 -4.19
CA ASN D 179 8.88 12.22 -3.22
C ASN D 179 8.21 12.81 -2.00
N ALA D 180 7.58 11.95 -1.19
CA ALA D 180 6.96 12.41 0.05
C ALA D 180 7.57 11.66 1.23
N VAL D 181 7.51 12.29 2.41
CA VAL D 181 7.88 11.64 3.66
C VAL D 181 6.65 11.66 4.57
N THR D 182 6.35 10.52 5.21
CA THR D 182 5.27 10.49 6.19
C THR D 182 5.84 10.33 7.60
N PRO D 183 6.06 11.44 8.30
CA PRO D 183 6.49 11.32 9.71
C PRO D 183 5.38 10.72 10.57
N GLY D 184 5.77 9.99 11.61
CA GLY D 184 4.85 9.63 12.68
C GLY D 184 4.74 10.80 13.65
N LEU D 185 4.16 10.58 14.81
CA LEU D 185 4.08 11.63 15.83
C LEU D 185 5.50 12.08 16.21
N ILE D 186 5.74 13.38 16.06
CA ILE D 186 7.05 13.97 16.36
C ILE D 186 6.91 15.10 17.39
N GLU D 187 7.84 15.11 18.34
CA GLU D 187 7.82 16.08 19.43
C GLU D 187 8.35 17.44 18.97
N SER D 188 7.64 18.06 18.04
CA SER D 188 8.00 19.39 17.57
C SER D 188 7.36 20.43 18.48
N ASP D 189 7.74 21.70 18.32
CA ASP D 189 7.15 22.76 19.13
C ASP D 189 5.65 22.80 18.94
N GLY D 190 5.22 22.62 17.68
CA GLY D 190 3.83 22.65 17.33
C GLY D 190 3.03 21.53 18.00
N VAL D 191 3.59 20.32 18.01
CA VAL D 191 2.94 19.20 18.67
C VAL D 191 2.96 19.36 20.19
N LYS D 192 4.07 19.88 20.72
CA LYS D 192 4.18 20.11 22.15
C LYS D 192 3.12 21.10 22.66
N ALA D 193 2.71 22.02 21.79
CA ALA D 193 1.73 23.05 22.19
C ALA D 193 0.31 22.67 21.79
N SER D 194 0.14 21.43 21.33
CA SER D 194 -1.14 20.97 20.82
CA SER D 194 -1.14 20.96 20.82
C SER D 194 -1.72 19.85 21.69
N PRO D 195 -3.01 19.55 21.51
CA PRO D 195 -3.54 18.41 22.26
C PRO D 195 -2.92 17.08 21.79
N HIS D 196 -2.29 17.09 20.62
CA HIS D 196 -1.62 15.87 20.13
C HIS D 196 -0.47 15.46 21.01
N ASN D 197 0.06 16.40 21.79
CA ASN D 197 1.16 16.07 22.68
C ASN D 197 0.79 14.92 23.61
N GLU D 198 -0.50 14.76 23.86
CA GLU D 198 -0.99 13.75 24.80
C GLU D 198 -0.95 12.33 24.24
N ALA D 199 -0.68 12.20 22.95
CA ALA D 199 -0.75 10.90 22.29
C ALA D 199 0.55 10.10 22.42
N PHE D 200 1.61 10.74 22.91
CA PHE D 200 2.93 10.10 22.93
C PHE D 200 2.99 8.76 23.67
N GLY D 201 2.33 8.65 24.81
CA GLY D 201 2.35 7.40 25.55
C GLY D 201 1.77 6.26 24.74
N PHE D 202 0.65 6.52 24.09
CA PHE D 202 -0.03 5.50 23.27
C PHE D 202 0.82 5.15 22.04
N VAL D 203 1.30 6.17 21.34
CA VAL D 203 2.05 6.00 20.12
C VAL D 203 3.37 5.27 20.39
N GLU D 204 4.05 5.67 21.46
CA GLU D 204 5.33 5.03 21.75
C GLU D 204 5.14 3.54 22.03
N MET D 205 4.00 3.18 22.60
CA MET D 205 3.75 1.77 22.90
C MET D 205 3.46 0.99 21.61
N LEU D 206 2.95 1.68 20.61
CA LEU D 206 2.62 1.06 19.32
C LEU D 206 3.85 0.97 18.41
N GLN D 207 4.83 1.83 18.66
CA GLN D 207 6.08 1.81 17.92
C GLN D 207 6.91 0.54 18.17
N ALA D 208 7.65 0.09 17.17
CA ALA D 208 8.58 -1.02 17.33
C ALA D 208 9.82 -0.56 18.09
N MET D 209 10.08 0.73 18.02
CA MET D 209 11.31 1.36 18.50
C MET D 209 10.95 2.27 19.66
N LYS D 210 11.84 2.41 20.65
CA LYS D 210 11.55 3.23 21.82
C LYS D 210 11.82 4.71 21.60
N GLY D 211 11.15 5.56 22.39
CA GLY D 211 11.44 6.98 22.41
C GLY D 211 10.42 7.82 21.69
N LYS D 212 10.39 9.11 22.00
CA LYS D 212 9.55 10.07 21.28
C LYS D 212 10.26 10.49 20.00
N GLY D 213 9.54 10.48 18.89
CA GLY D 213 10.09 10.97 17.63
C GLY D 213 10.55 12.41 17.77
N GLN D 214 11.67 12.75 17.12
CA GLN D 214 12.21 14.09 17.16
C GLN D 214 12.30 14.67 15.75
N PRO D 215 12.27 16.00 15.64
CA PRO D 215 12.43 16.67 14.34
C PRO D 215 13.66 16.18 13.59
N GLU D 216 14.74 15.84 14.30
CA GLU D 216 15.97 15.41 13.63
C GLU D 216 15.77 14.07 12.94
N HIS D 217 14.86 13.24 13.45
CA HIS D 217 14.58 11.94 12.82
C HIS D 217 14.04 12.11 11.42
N ILE D 218 13.28 13.17 11.20
CA ILE D 218 12.74 13.48 9.88
C ILE D 218 13.77 14.23 9.02
N ALA D 219 14.48 15.17 9.63
CA ALA D 219 15.46 15.98 8.89
C ALA D 219 16.50 15.10 8.22
N ASP D 220 16.94 14.07 8.94
CA ASP D 220 18.03 13.23 8.45
C ASP D 220 17.56 12.38 7.27
N VAL D 221 16.28 12.07 7.22
CA VAL D 221 15.73 11.33 6.08
C VAL D 221 15.55 12.25 4.86
N VAL D 222 15.10 13.48 5.10
CA VAL D 222 14.96 14.44 4.03
C VAL D 222 16.32 14.76 3.42
N SER D 223 17.36 14.79 4.26
CA SER D 223 18.73 14.97 3.78
C SER D 223 19.06 13.94 2.71
N PHE D 224 18.75 12.68 3.00
CA PHE D 224 18.95 11.60 2.05
C PHE D 224 18.19 11.85 0.76
N LEU D 225 16.91 12.16 0.89
CA LEU D 225 16.07 12.38 -0.28
C LEU D 225 16.54 13.57 -1.12
N ALA D 226 17.22 14.52 -0.50
CA ALA D 226 17.73 15.67 -1.24
C ALA D 226 19.06 15.38 -1.93
N SER D 227 19.67 14.25 -1.59
CA SER D 227 21.01 13.93 -2.08
C SER D 227 21.01 13.11 -3.36
N ASP D 228 22.20 12.93 -3.92
CA ASP D 228 22.36 12.16 -5.13
C ASP D 228 22.12 10.68 -4.86
N ASP D 229 22.20 10.28 -3.60
CA ASP D 229 21.98 8.88 -3.25
C ASP D 229 20.54 8.42 -3.55
N ALA D 230 19.61 9.37 -3.64
CA ALA D 230 18.21 9.06 -3.87
C ALA D 230 17.77 9.34 -5.31
N ARG D 231 18.74 9.42 -6.20
CA ARG D 231 18.49 9.86 -7.59
C ARG D 231 17.56 8.94 -8.37
N TRP D 232 17.47 7.68 -7.97
CA TRP D 232 16.62 6.73 -8.69
C TRP D 232 15.24 6.59 -8.04
N ILE D 233 15.01 7.34 -6.97
CA ILE D 233 13.72 7.32 -6.27
C ILE D 233 12.84 8.49 -6.70
N THR D 234 11.69 8.20 -7.30
CA THR D 234 10.76 9.28 -7.62
C THR D 234 9.34 8.75 -7.61
N GLY D 235 8.43 9.56 -7.09
CA GLY D 235 7.03 9.19 -6.97
C GLY D 235 6.75 8.36 -5.73
N GLN D 236 7.72 8.28 -4.84
CA GLN D 236 7.65 7.38 -3.70
C GLN D 236 7.35 8.12 -2.40
N THR D 237 6.86 7.39 -1.41
CA THR D 237 6.58 7.93 -0.08
C THR D 237 7.36 7.13 0.95
N LEU D 238 8.17 7.80 1.75
CA LEU D 238 8.98 7.11 2.76
CA LEU D 238 8.97 7.10 2.74
C LEU D 238 8.40 7.40 4.12
N ASN D 239 8.04 6.34 4.84
CA ASN D 239 7.40 6.46 6.14
C ASN D 239 8.40 6.38 7.28
N VAL D 240 8.38 7.37 8.17
CA VAL D 240 9.41 7.51 9.19
C VAL D 240 8.76 7.69 10.57
N ASP D 241 8.53 6.57 11.25
CA ASP D 241 7.68 6.59 12.43
C ASP D 241 8.02 5.50 13.42
N ALA D 242 9.28 5.04 13.40
CA ALA D 242 9.74 4.01 14.32
C ALA D 242 8.83 2.78 14.28
N GLY D 243 8.21 2.52 13.13
CA GLY D 243 7.38 1.33 12.97
C GLY D 243 5.92 1.37 13.44
N MET D 244 5.36 2.56 13.66
CA MET D 244 3.95 2.62 14.05
C MET D 244 3.02 2.02 13.01
N VAL D 245 3.24 2.34 11.73
CA VAL D 245 2.55 1.63 10.67
C VAL D 245 3.60 1.07 9.71
N ARG D 246 3.18 0.18 8.82
CA ARG D 246 4.12 -0.45 7.90
C ARG D 246 3.79 -0.07 6.46
N HIS D 247 4.76 0.54 5.80
CA HIS D 247 4.63 0.92 4.40
C HIS D 247 5.90 0.43 3.69
#